data_2A1H
#
_entry.id   2A1H
#
_cell.length_a   58.823
_cell.length_b   109.369
_cell.length_c   59.252
_cell.angle_alpha   90.00
_cell.angle_beta   96.73
_cell.angle_gamma   90.00
#
_symmetry.space_group_name_H-M   'P 1 21 1'
#
loop_
_entity.id
_entity.type
_entity.pdbx_description
1 polymer 'branched chain aminotransferase'
2 non-polymer "PYRIDOXAL-5'-PHOSPHATE"
3 non-polymer '[1-(AMINOMETHYL)CYCLOHEXYL]ACETIC ACID'
4 non-polymer 'ACETIC ACID'
5 water water
#
_entity_poly.entity_id   1
_entity_poly.type   'polypeptide(L)'
_entity_poly.pdbx_seq_one_letter_code
;ASSSFKAADLQLEMTQKPHKKPGPGEPLVFGKTFTDHMLMVEWNDKGWGQPRIQPFQNLTLHPASSSLHYSLQLFEGMKA
FKGKDQQVRLFRPWLNMDRMLRSAMRLCLPSFDKLELLECIRRLIEVDKDWVPDAAGTSLYVRPVLIGNEPSLGVSQPRR
ALLFVILCPVGAYFPGGSVTPVSLLADPAFIRAWVGGVGNYKLGGNYGPTVLVQQEALKRGCEQVLWLYGPDHQLTEVGT
MNIFVYWTHEDGVLELVTPPLNGVILPGVVRQSLLDMAQTWGEFRVVERTITMKQLLRALEEGRVREVFGSGTACQVCPV
HRILYKDRNLHIPTMENGPELILRFQKELKEIQYGIRAHEWMFPV
;
_entity_poly.pdbx_strand_id   A,B
#
loop_
_chem_comp.id
_chem_comp.type
_chem_comp.name
_chem_comp.formula
ACY non-polymer 'ACETIC ACID' 'C2 H4 O2'
GBN non-polymer '[1-(AMINOMETHYL)CYCLOHEXYL]ACETIC ACID' 'C9 H17 N O2'
PLP non-polymer PYRIDOXAL-5'-PHOSPHATE 'C8 H10 N O6 P'
#
# COMPACT_ATOMS: atom_id res chain seq x y z
N SER A 3 -5.23 8.68 -26.92
CA SER A 3 -5.32 7.96 -25.62
C SER A 3 -5.67 8.90 -24.48
N SER A 4 -4.81 9.89 -24.25
CA SER A 4 -4.94 10.87 -23.18
C SER A 4 -6.07 11.89 -23.24
N PHE A 5 -6.47 12.37 -22.06
CA PHE A 5 -7.48 13.41 -21.94
C PHE A 5 -6.81 14.72 -22.34
N LYS A 6 -7.60 15.64 -22.90
CA LYS A 6 -7.09 16.93 -23.37
C LYS A 6 -7.67 18.09 -22.58
N ALA A 7 -6.83 19.10 -22.31
CA ALA A 7 -7.26 20.30 -21.59
C ALA A 7 -8.24 21.13 -22.41
N ALA A 8 -8.19 20.95 -23.74
CA ALA A 8 -9.07 21.64 -24.69
C ALA A 8 -10.51 21.14 -24.56
N ASP A 9 -10.67 19.94 -23.98
CA ASP A 9 -11.96 19.28 -23.77
C ASP A 9 -12.52 19.49 -22.35
N LEU A 10 -11.88 20.37 -21.58
CA LEU A 10 -12.27 20.65 -20.19
C LEU A 10 -13.68 21.17 -19.93
N GLN A 11 -14.36 20.55 -18.98
CA GLN A 11 -15.71 20.96 -18.58
C GLN A 11 -15.60 21.84 -17.34
N LEU A 12 -16.41 22.89 -17.30
CA LEU A 12 -16.40 23.83 -16.18
C LEU A 12 -17.76 23.93 -15.50
N GLU A 13 -17.77 23.62 -14.21
CA GLU A 13 -18.97 23.72 -13.38
C GLU A 13 -18.52 24.48 -12.14
N MET A 14 -18.85 25.76 -12.10
CA MET A 14 -18.51 26.64 -10.98
C MET A 14 -19.40 26.36 -9.78
N THR A 15 -18.86 26.59 -8.58
CA THR A 15 -19.61 26.36 -7.35
C THR A 15 -20.65 27.45 -7.08
N GLN A 16 -21.81 27.01 -6.62
CA GLN A 16 -22.91 27.90 -6.27
C GLN A 16 -23.16 27.81 -4.76
N LYS A 17 -22.14 27.28 -4.08
CA LYS A 17 -22.09 27.11 -2.63
C LYS A 17 -20.62 27.28 -2.18
N PRO A 18 -20.06 28.51 -2.25
CA PRO A 18 -18.67 28.76 -1.84
C PRO A 18 -18.42 28.56 -0.35
N HIS A 19 -17.25 28.02 -0.02
CA HIS A 19 -16.85 27.77 1.37
C HIS A 19 -16.09 28.94 1.98
N LYS A 20 -16.02 28.94 3.31
CA LYS A 20 -15.33 29.99 4.09
C LYS A 20 -13.81 29.85 4.01
N LYS A 21 -13.16 30.87 3.47
CA LYS A 21 -11.69 30.92 3.31
C LYS A 21 -10.98 31.19 4.65
N PRO A 22 -9.84 30.50 4.91
CA PRO A 22 -9.12 30.72 6.18
C PRO A 22 -8.29 32.00 6.13
N GLY A 23 -8.07 32.57 7.31
CA GLY A 23 -7.29 33.79 7.40
C GLY A 23 -5.82 33.53 7.68
N PRO A 24 -4.90 34.47 7.33
CA PRO A 24 -3.46 34.33 7.55
C PRO A 24 -3.09 34.25 9.04
N GLY A 25 -4.00 34.76 9.88
CA GLY A 25 -3.81 34.77 11.32
C GLY A 25 -4.15 33.47 12.04
N GLU A 26 -5.06 32.69 11.46
CA GLU A 26 -5.50 31.41 12.03
C GLU A 26 -4.53 30.26 11.70
N PRO A 27 -3.99 29.58 12.74
CA PRO A 27 -3.05 28.46 12.54
C PRO A 27 -3.68 27.21 11.89
N LEU A 28 -3.33 26.99 10.63
CA LEU A 28 -3.85 25.88 9.85
C LEU A 28 -3.04 24.59 9.94
N VAL A 29 -3.77 23.48 10.01
CA VAL A 29 -3.20 22.13 10.04
C VAL A 29 -3.04 21.75 8.56
N PHE A 30 -2.02 20.92 8.30
CA PHE A 30 -1.69 20.44 6.95
C PHE A 30 -2.83 19.64 6.34
N GLY A 31 -3.32 20.18 5.22
CA GLY A 31 -4.38 19.58 4.44
C GLY A 31 -5.68 19.17 5.10
N LYS A 32 -6.32 20.10 5.82
CA LYS A 32 -7.59 19.83 6.49
C LYS A 32 -8.70 20.74 5.93
N THR A 33 -8.30 21.88 5.37
CA THR A 33 -9.25 22.84 4.79
C THR A 33 -8.97 22.90 3.28
N PHE A 34 -9.97 22.58 2.48
CA PHE A 34 -9.84 22.53 1.03
C PHE A 34 -10.54 23.63 0.26
N THR A 35 -10.12 23.80 -1.00
CA THR A 35 -10.66 24.83 -1.88
C THR A 35 -12.05 24.52 -2.44
N ASP A 36 -12.62 25.47 -3.17
CA ASP A 36 -13.97 25.34 -3.75
C ASP A 36 -14.13 24.34 -4.89
N HIS A 37 -13.08 24.14 -5.68
CA HIS A 37 -13.14 23.23 -6.81
C HIS A 37 -12.12 22.10 -6.80
N MET A 38 -12.34 21.12 -7.67
CA MET A 38 -11.48 19.96 -7.83
C MET A 38 -11.49 19.51 -9.30
N LEU A 39 -10.45 18.80 -9.71
CA LEU A 39 -10.37 18.26 -11.06
C LEU A 39 -10.74 16.79 -10.97
N MET A 40 -11.43 16.28 -11.99
CA MET A 40 -11.81 14.87 -12.04
C MET A 40 -11.83 14.35 -13.47
N VAL A 41 -11.15 13.21 -13.68
CA VAL A 41 -11.10 12.55 -14.98
C VAL A 41 -11.32 11.05 -14.76
N GLU A 42 -12.22 10.47 -15.55
CA GLU A 42 -12.54 9.04 -15.45
C GLU A 42 -11.94 8.26 -16.62
N TRP A 43 -11.46 7.05 -16.33
CA TRP A 43 -10.88 6.18 -17.34
C TRP A 43 -11.57 4.81 -17.34
N ASN A 44 -11.67 4.23 -18.54
CA ASN A 44 -12.22 2.89 -18.75
C ASN A 44 -11.36 2.26 -19.88
N ASP A 45 -11.56 0.97 -20.18
CA ASP A 45 -10.78 0.28 -21.21
C ASP A 45 -10.85 0.85 -22.65
N LYS A 46 -11.83 1.72 -22.89
CA LYS A 46 -12.02 2.37 -24.19
C LYS A 46 -11.28 3.71 -24.23
N GLY A 47 -10.71 4.11 -23.09
CA GLY A 47 -9.97 5.35 -23.01
C GLY A 47 -10.40 6.31 -21.93
N TRP A 48 -9.79 7.50 -21.94
CA TRP A 48 -10.09 8.54 -20.98
C TRP A 48 -11.34 9.32 -21.36
N GLY A 49 -12.06 9.76 -20.34
CA GLY A 49 -13.25 10.58 -20.57
C GLY A 49 -12.78 12.03 -20.59
N GLN A 50 -13.72 12.97 -20.67
N GLN A 50 -13.73 12.95 -20.60
CA GLN A 50 -13.39 14.40 -20.70
CA GLN A 50 -13.47 14.38 -20.61
C GLN A 50 -13.08 14.89 -19.27
C GLN A 50 -13.08 14.89 -19.21
N PRO A 51 -12.00 15.70 -19.11
CA PRO A 51 -11.62 16.22 -17.79
C PRO A 51 -12.55 17.33 -17.32
N ARG A 52 -12.80 17.41 -16.02
CA ARG A 52 -13.70 18.43 -15.51
C ARG A 52 -13.31 19.11 -14.21
N ILE A 53 -13.59 20.41 -14.18
CA ILE A 53 -13.38 21.24 -13.01
C ILE A 53 -14.81 21.33 -12.48
N GLN A 54 -15.01 20.72 -11.33
CA GLN A 54 -16.32 20.65 -10.70
C GLN A 54 -16.21 21.11 -9.25
N PRO A 55 -17.34 21.43 -8.58
CA PRO A 55 -17.27 21.86 -7.16
C PRO A 55 -16.72 20.74 -6.29
N PHE A 56 -16.08 21.11 -5.18
CA PHE A 56 -15.52 20.15 -4.23
C PHE A 56 -16.67 19.29 -3.70
N GLN A 57 -16.55 17.98 -3.92
CA GLN A 57 -17.58 17.03 -3.52
C GLN A 57 -16.97 15.69 -3.18
N ASN A 58 -17.77 14.84 -2.53
CA ASN A 58 -17.33 13.49 -2.16
C ASN A 58 -17.28 12.57 -3.38
N LEU A 59 -16.44 11.53 -3.26
CA LEU A 59 -16.28 10.53 -4.30
C LEU A 59 -17.32 9.44 -4.07
N THR A 60 -17.82 8.86 -5.15
CA THR A 60 -18.80 7.78 -5.11
C THR A 60 -18.06 6.56 -5.66
N LEU A 61 -17.63 5.68 -4.75
CA LEU A 61 -16.88 4.48 -5.10
C LEU A 61 -17.59 3.17 -4.80
N HIS A 62 -17.48 2.22 -5.73
CA HIS A 62 -18.06 0.88 -5.60
C HIS A 62 -17.26 0.21 -4.44
N PRO A 63 -17.95 -0.52 -3.53
CA PRO A 63 -17.27 -1.17 -2.40
C PRO A 63 -16.11 -2.10 -2.74
N ALA A 64 -16.12 -2.60 -3.97
CA ALA A 64 -15.07 -3.50 -4.45
C ALA A 64 -13.97 -2.81 -5.23
N SER A 65 -13.98 -1.48 -5.26
CA SER A 65 -12.97 -0.68 -5.96
C SER A 65 -11.57 -1.11 -5.56
N SER A 66 -10.76 -1.48 -6.55
CA SER A 66 -9.38 -1.94 -6.32
C SER A 66 -8.47 -0.97 -5.57
N SER A 67 -8.90 0.30 -5.50
CA SER A 67 -8.17 1.34 -4.78
C SER A 67 -8.21 1.14 -3.28
N LEU A 68 -9.29 0.48 -2.81
CA LEU A 68 -9.52 0.21 -1.39
C LEU A 68 -9.10 -1.15 -0.89
N HIS A 69 -8.95 -2.10 -1.81
CA HIS A 69 -8.57 -3.46 -1.44
C HIS A 69 -7.12 -3.82 -1.70
N TYR A 70 -6.63 -3.42 -2.88
CA TYR A 70 -5.27 -3.75 -3.29
C TYR A 70 -4.34 -2.56 -3.50
N SER A 71 -4.69 -1.43 -2.88
CA SER A 71 -3.90 -0.19 -2.93
C SER A 71 -3.44 0.28 -4.31
N LEU A 72 -4.35 0.22 -5.28
CA LEU A 72 -4.04 0.69 -6.62
C LEU A 72 -4.30 2.19 -6.53
N GLN A 73 -3.31 2.86 -5.93
CA GLN A 73 -3.36 4.29 -5.67
C GLN A 73 -1.99 4.90 -5.61
N LEU A 74 -1.92 6.15 -6.06
CA LEU A 74 -0.69 6.93 -6.05
C LEU A 74 -1.08 8.39 -5.90
N PHE A 75 -0.11 9.21 -5.50
CA PHE A 75 -0.37 10.62 -5.33
C PHE A 75 0.86 11.45 -5.65
N GLU A 76 0.65 12.77 -5.67
CA GLU A 76 1.73 13.72 -5.87
C GLU A 76 1.53 14.89 -4.94
N GLY A 77 2.57 15.71 -4.82
CA GLY A 77 2.51 16.85 -3.95
C GLY A 77 3.43 17.94 -4.44
N MET A 78 2.84 19.10 -4.73
CA MET A 78 3.59 20.28 -5.18
C MET A 78 2.93 21.54 -4.66
N LYS A 79 3.69 22.62 -4.60
CA LYS A 79 3.18 23.89 -4.10
C LYS A 79 3.12 25.00 -5.14
N ALA A 80 2.08 25.82 -4.98
CA ALA A 80 1.83 26.99 -5.82
C ALA A 80 2.09 28.17 -4.89
N PHE A 81 2.90 29.12 -5.36
CA PHE A 81 3.26 30.29 -4.56
C PHE A 81 2.76 31.60 -5.15
N LYS A 82 2.27 32.48 -4.28
CA LYS A 82 1.77 33.79 -4.71
C LYS A 82 2.75 34.90 -4.29
N GLY A 83 3.23 35.65 -5.29
CA GLY A 83 4.17 36.74 -5.04
C GLY A 83 3.43 38.02 -4.65
N LYS A 84 4.18 39.07 -4.33
CA LYS A 84 3.61 40.37 -3.94
C LYS A 84 2.78 41.04 -5.04
N ASP A 85 3.16 40.76 -6.29
CA ASP A 85 2.46 41.28 -7.47
C ASP A 85 1.25 40.42 -7.89
N GLN A 86 0.77 39.60 -6.95
CA GLN A 86 -0.39 38.69 -7.08
C GLN A 86 -0.29 37.50 -8.06
N GLN A 87 0.87 37.33 -8.70
CA GLN A 87 1.09 36.23 -9.65
C GLN A 87 1.37 34.90 -8.94
N VAL A 88 0.58 33.88 -9.29
CA VAL A 88 0.71 32.53 -8.73
C VAL A 88 1.62 31.72 -9.66
N ARG A 89 2.56 30.98 -9.05
CA ARG A 89 3.52 30.16 -9.79
C ARG A 89 3.76 28.79 -9.14
N LEU A 90 3.84 27.74 -9.96
CA LEU A 90 4.12 26.38 -9.49
C LEU A 90 5.63 26.12 -9.58
N PHE A 91 6.16 25.38 -8.60
CA PHE A 91 7.59 25.05 -8.52
C PHE A 91 7.89 23.73 -9.23
N ARG A 92 8.68 23.81 -10.32
CA ARG A 92 9.11 22.66 -11.15
C ARG A 92 8.05 21.55 -11.27
N PRO A 93 6.82 21.89 -11.71
CA PRO A 93 5.77 20.87 -11.82
C PRO A 93 5.97 19.74 -12.80
N TRP A 94 6.87 19.94 -13.78
CA TRP A 94 7.20 18.94 -14.80
C TRP A 94 7.79 17.70 -14.16
N LEU A 95 8.58 17.89 -13.10
CA LEU A 95 9.22 16.78 -12.38
C LEU A 95 8.18 15.95 -11.61
N ASN A 96 7.14 16.61 -11.11
CA ASN A 96 6.06 15.94 -10.39
C ASN A 96 5.22 15.13 -11.36
N MET A 97 5.04 15.67 -12.56
CA MET A 97 4.27 15.01 -13.62
C MET A 97 5.03 13.78 -14.11
N ASP A 98 6.37 13.89 -14.16
CA ASP A 98 7.26 12.81 -14.56
C ASP A 98 7.18 11.67 -13.55
N ARG A 99 7.22 12.03 -12.28
CA ARG A 99 7.15 11.07 -11.16
C ARG A 99 5.78 10.39 -11.07
N MET A 100 4.73 11.16 -11.35
CA MET A 100 3.34 10.65 -11.32
C MET A 100 3.12 9.58 -12.39
N LEU A 101 3.65 9.82 -13.58
CA LEU A 101 3.52 8.87 -14.70
C LEU A 101 4.31 7.60 -14.42
N ARG A 102 5.48 7.72 -13.80
CA ARG A 102 6.31 6.57 -13.45
C ARG A 102 5.59 5.71 -12.41
N SER A 103 4.93 6.38 -11.46
CA SER A 103 4.16 5.72 -10.41
C SER A 103 2.97 4.96 -11.01
N ALA A 104 2.33 5.59 -12.00
CA ALA A 104 1.19 5.01 -12.71
C ALA A 104 1.54 3.73 -13.44
N MET A 105 2.71 3.74 -14.10
N MET A 105 2.70 3.75 -14.12
CA MET A 105 3.22 2.59 -14.86
CA MET A 105 3.20 2.59 -14.88
C MET A 105 3.58 1.41 -13.99
C MET A 105 3.56 1.40 -13.99
N ARG A 106 4.06 1.70 -12.79
CA ARG A 106 4.45 0.66 -11.81
C ARG A 106 3.22 -0.09 -11.27
N LEU A 107 2.09 0.61 -11.19
CA LEU A 107 0.85 0.02 -10.68
C LEU A 107 -0.14 -0.39 -11.77
N CYS A 108 0.31 -0.39 -13.02
CA CYS A 108 -0.50 -0.76 -14.19
C CYS A 108 -1.76 0.10 -14.31
N LEU A 109 -1.61 1.36 -13.92
CA LEU A 109 -2.66 2.37 -13.99
C LEU A 109 -2.47 3.08 -15.34
N PRO A 110 -3.54 3.64 -15.93
CA PRO A 110 -3.43 4.31 -17.23
C PRO A 110 -2.46 5.48 -17.42
N SER A 111 -1.82 5.48 -18.59
CA SER A 111 -0.90 6.53 -18.99
C SER A 111 -1.73 7.74 -19.40
N PHE A 112 -1.13 8.90 -19.27
CA PHE A 112 -1.74 10.17 -19.62
C PHE A 112 -0.63 11.06 -20.15
N ASP A 113 -1.00 12.16 -20.79
CA ASP A 113 -0.01 13.11 -21.29
C ASP A 113 0.25 14.06 -20.12
N LYS A 114 1.50 14.08 -19.70
CA LYS A 114 1.97 14.90 -18.56
C LYS A 114 1.71 16.39 -18.67
N LEU A 115 1.78 16.91 -19.89
CA LEU A 115 1.56 18.32 -20.14
C LEU A 115 0.08 18.69 -20.22
N GLU A 116 -0.77 17.72 -20.55
CA GLU A 116 -2.21 17.95 -20.61
C GLU A 116 -2.74 18.01 -19.17
N LEU A 117 -2.17 17.17 -18.29
CA LEU A 117 -2.57 17.17 -16.87
C LEU A 117 -2.09 18.48 -16.22
N LEU A 118 -0.90 18.92 -16.61
CA LEU A 118 -0.33 20.17 -16.07
C LEU A 118 -1.20 21.37 -16.43
N GLU A 119 -1.69 21.41 -17.66
CA GLU A 119 -2.55 22.49 -18.13
C GLU A 119 -3.91 22.45 -17.41
N CYS A 120 -4.42 21.24 -17.15
CA CYS A 120 -5.69 21.05 -16.43
C CYS A 120 -5.54 21.52 -14.97
N ILE A 121 -4.36 21.26 -14.38
CA ILE A 121 -4.04 21.68 -13.02
C ILE A 121 -3.89 23.21 -12.95
N ARG A 122 -3.30 23.80 -14.01
CA ARG A 122 -3.11 25.25 -14.10
C ARG A 122 -4.48 25.94 -14.13
N ARG A 123 -5.40 25.37 -14.91
CA ARG A 123 -6.76 25.87 -15.06
C ARG A 123 -7.54 25.80 -13.75
N LEU A 124 -7.28 24.73 -12.98
CA LEU A 124 -7.93 24.52 -11.68
C LEU A 124 -7.48 25.57 -10.66
N ILE A 125 -6.17 25.80 -10.59
CA ILE A 125 -5.60 26.79 -9.67
C ILE A 125 -6.06 28.20 -10.06
N GLU A 126 -6.25 28.43 -11.38
CA GLU A 126 -6.70 29.72 -11.91
C GLU A 126 -8.12 30.04 -11.42
N VAL A 127 -8.96 29.01 -11.36
CA VAL A 127 -10.35 29.11 -10.89
C VAL A 127 -10.36 29.41 -9.38
N ASP A 128 -9.47 28.75 -8.64
CA ASP A 128 -9.37 28.93 -7.19
C ASP A 128 -8.20 29.84 -6.77
N LYS A 129 -7.87 30.82 -7.61
CA LYS A 129 -6.77 31.77 -7.38
C LYS A 129 -6.81 32.55 -6.06
N ASP A 130 -8.02 32.91 -5.63
CA ASP A 130 -8.23 33.68 -4.39
C ASP A 130 -7.95 32.87 -3.11
N TRP A 131 -7.79 31.56 -3.27
CA TRP A 131 -7.51 30.65 -2.17
C TRP A 131 -6.02 30.55 -1.86
N VAL A 132 -5.19 30.93 -2.83
CA VAL A 132 -3.73 30.91 -2.68
C VAL A 132 -3.32 32.09 -1.78
N PRO A 133 -2.77 31.81 -0.57
CA PRO A 133 -2.37 32.89 0.33
C PRO A 133 -1.06 33.57 -0.10
N ASP A 134 -0.83 34.78 0.40
CA ASP A 134 0.38 35.55 0.06
C ASP A 134 1.28 35.92 1.23
N ALA A 135 0.93 35.46 2.43
CA ALA A 135 1.71 35.71 3.64
C ALA A 135 3.05 34.95 3.61
N ALA A 136 3.98 35.36 4.48
CA ALA A 136 5.31 34.77 4.57
C ALA A 136 5.32 33.27 4.88
N GLY A 137 5.96 32.50 3.99
CA GLY A 137 6.08 31.06 4.14
C GLY A 137 4.84 30.23 3.84
N THR A 138 3.77 30.88 3.39
CA THR A 138 2.52 30.20 3.08
C THR A 138 2.43 29.87 1.59
N SER A 139 1.54 28.94 1.23
CA SER A 139 1.35 28.50 -0.16
C SER A 139 0.08 27.67 -0.33
N LEU A 140 -0.13 27.19 -1.56
CA LEU A 140 -1.26 26.33 -1.89
C LEU A 140 -0.69 24.96 -2.25
N TYR A 141 -1.10 23.95 -1.49
CA TYR A 141 -0.65 22.57 -1.74
C TYR A 141 -1.57 21.94 -2.79
N VAL A 142 -0.96 21.35 -3.82
CA VAL A 142 -1.66 20.71 -4.92
C VAL A 142 -1.50 19.19 -4.73
N ARG A 143 -2.62 18.49 -4.68
CA ARG A 143 -2.61 17.03 -4.49
C ARG A 143 -3.28 16.18 -5.58
N PRO A 144 -2.52 15.80 -6.64
CA PRO A 144 -3.05 14.97 -7.72
C PRO A 144 -3.06 13.53 -7.21
N VAL A 145 -4.08 12.77 -7.58
CA VAL A 145 -4.21 11.37 -7.16
C VAL A 145 -4.75 10.56 -8.33
N LEU A 146 -4.24 9.35 -8.49
CA LEU A 146 -4.71 8.44 -9.53
C LEU A 146 -4.96 7.11 -8.85
N ILE A 147 -6.21 6.64 -8.92
CA ILE A 147 -6.61 5.39 -8.30
C ILE A 147 -7.25 4.41 -9.27
N GLY A 148 -7.12 3.12 -8.93
CA GLY A 148 -7.75 2.05 -9.71
C GLY A 148 -9.19 2.06 -9.24
N ASN A 149 -10.14 1.79 -10.13
CA ASN A 149 -11.54 1.84 -9.73
C ASN A 149 -12.41 0.74 -10.34
N GLU A 150 -11.82 -0.44 -10.50
CA GLU A 150 -12.56 -1.57 -11.06
C GLU A 150 -13.37 -2.29 -9.98
N PRO A 151 -14.68 -2.55 -10.22
CA PRO A 151 -15.54 -3.23 -9.25
C PRO A 151 -15.26 -4.75 -9.24
N SER A 152 -14.03 -5.12 -8.89
CA SER A 152 -13.58 -6.51 -8.88
C SER A 152 -12.59 -6.83 -7.78
N LEU A 153 -12.76 -8.01 -7.18
CA LEU A 153 -11.89 -8.49 -6.12
C LEU A 153 -10.70 -9.30 -6.65
N GLY A 154 -10.54 -9.32 -7.97
CA GLY A 154 -9.42 -10.03 -8.57
C GLY A 154 -8.21 -9.10 -8.54
N VAL A 155 -7.03 -9.63 -8.25
CA VAL A 155 -5.80 -8.83 -8.22
C VAL A 155 -5.31 -8.81 -9.66
N SER A 156 -5.64 -7.73 -10.36
CA SER A 156 -5.29 -7.59 -11.78
C SER A 156 -5.26 -6.12 -12.20
N GLN A 157 -4.86 -5.89 -13.45
CA GLN A 157 -4.78 -4.55 -14.04
C GLN A 157 -6.18 -3.96 -14.09
N PRO A 158 -6.39 -2.76 -13.49
CA PRO A 158 -7.69 -2.11 -13.48
C PRO A 158 -8.20 -1.75 -14.86
N ARG A 159 -9.48 -2.00 -15.10
CA ARG A 159 -10.12 -1.69 -16.38
C ARG A 159 -10.90 -0.39 -16.24
N ARG A 160 -10.81 0.21 -15.04
CA ARG A 160 -11.45 1.49 -14.70
C ARG A 160 -10.51 2.22 -13.74
N ALA A 161 -10.41 3.54 -13.91
CA ALA A 161 -9.57 4.36 -13.03
C ALA A 161 -10.14 5.76 -12.85
N LEU A 162 -9.65 6.44 -11.81
CA LEU A 162 -10.10 7.80 -11.51
C LEU A 162 -8.92 8.69 -11.15
N LEU A 163 -8.81 9.82 -11.84
CA LEU A 163 -7.76 10.79 -11.56
C LEU A 163 -8.44 12.04 -11.02
N PHE A 164 -8.00 12.50 -9.85
CA PHE A 164 -8.55 13.72 -9.26
C PHE A 164 -7.47 14.59 -8.62
N VAL A 165 -7.73 15.89 -8.60
CA VAL A 165 -6.78 16.84 -7.99
C VAL A 165 -7.52 17.74 -7.01
N ILE A 166 -7.01 17.81 -5.78
CA ILE A 166 -7.58 18.66 -4.75
C ILE A 166 -6.52 19.65 -4.27
N LEU A 167 -6.97 20.81 -3.83
CA LEU A 167 -6.08 21.89 -3.39
C LEU A 167 -6.37 22.32 -1.95
N CYS A 168 -5.34 22.72 -1.23
CA CYS A 168 -5.50 23.18 0.14
C CYS A 168 -4.48 24.23 0.54
N PRO A 169 -4.92 25.34 1.15
CA PRO A 169 -3.98 26.39 1.59
C PRO A 169 -3.25 25.88 2.82
N VAL A 170 -1.94 26.07 2.85
CA VAL A 170 -1.12 25.63 3.98
C VAL A 170 -0.35 26.81 4.55
N GLY A 171 -0.25 26.86 5.88
CA GLY A 171 0.47 27.92 6.56
C GLY A 171 1.96 27.68 6.60
N ALA A 172 2.68 28.53 7.33
CA ALA A 172 4.13 28.42 7.49
C ALA A 172 4.47 27.21 8.35
N TYR A 173 5.40 26.38 7.88
CA TYR A 173 5.82 25.16 8.59
C TYR A 173 6.42 25.48 9.96
N PHE A 174 7.27 26.50 9.99
CA PHE A 174 7.93 26.93 11.22
C PHE A 174 7.12 28.02 11.95
N PRO A 175 6.79 27.80 13.25
CA PRO A 175 6.02 28.76 14.06
C PRO A 175 6.63 30.16 14.16
N GLY A 176 6.15 31.03 13.26
CA GLY A 176 6.63 32.39 13.19
C GLY A 176 7.34 32.59 11.85
N GLY A 177 8.62 32.23 11.82
CA GLY A 177 9.41 32.37 10.61
C GLY A 177 10.88 32.04 10.82
N SER A 178 11.18 31.21 11.82
CA SER A 178 12.55 30.80 12.13
C SER A 178 12.68 29.27 12.26
N VAL A 179 13.79 28.75 11.73
CA VAL A 179 14.11 27.32 11.73
C VAL A 179 14.22 26.60 13.08
N THR A 180 13.40 25.58 13.26
CA THR A 180 13.39 24.76 14.47
C THR A 180 13.84 23.33 14.09
N PRO A 181 14.83 22.78 14.81
CA PRO A 181 15.32 21.42 14.52
C PRO A 181 14.50 20.23 15.04
N VAL A 182 14.73 19.06 14.44
CA VAL A 182 14.04 17.82 14.81
C VAL A 182 15.01 16.72 15.23
N SER A 183 14.54 15.85 16.13
CA SER A 183 15.31 14.72 16.62
C SER A 183 14.80 13.47 15.89
N LEU A 184 15.72 12.56 15.55
CA LEU A 184 15.36 11.35 14.80
C LEU A 184 15.69 10.02 15.47
N LEU A 185 14.78 9.05 15.33
CA LEU A 185 15.01 7.70 15.87
C LEU A 185 15.57 6.86 14.72
N ALA A 186 16.73 6.25 14.96
CA ALA A 186 17.39 5.39 13.98
C ALA A 186 17.51 3.97 14.53
N ASP A 187 16.52 3.15 14.20
CA ASP A 187 16.47 1.76 14.62
C ASP A 187 16.38 0.91 13.34
N PRO A 188 17.38 0.02 13.11
CA PRO A 188 17.42 -0.85 11.93
C PRO A 188 16.27 -1.85 11.73
N ALA A 189 15.46 -2.02 12.78
CA ALA A 189 14.32 -2.95 12.77
C ALA A 189 13.18 -2.48 11.86
N PHE A 190 13.17 -1.18 11.56
CA PHE A 190 12.14 -0.57 10.72
C PHE A 190 12.64 -0.35 9.29
N ILE A 191 11.93 -0.90 8.32
CA ILE A 191 12.30 -0.79 6.89
C ILE A 191 11.16 -0.10 6.11
N ARG A 192 11.49 0.99 5.44
CA ARG A 192 10.53 1.77 4.63
C ARG A 192 10.40 1.19 3.24
N ALA A 193 11.54 0.89 2.65
CA ALA A 193 11.62 0.37 1.30
C ALA A 193 12.79 -0.57 1.13
N TRP A 194 12.77 -1.33 0.04
CA TRP A 194 13.80 -2.29 -0.27
C TRP A 194 14.17 -2.28 -1.75
N VAL A 195 15.40 -2.68 -2.07
CA VAL A 195 15.88 -2.74 -3.47
C VAL A 195 15.05 -3.80 -4.19
N GLY A 196 14.43 -3.39 -5.29
CA GLY A 196 13.57 -4.25 -6.08
C GLY A 196 12.13 -4.02 -5.65
N GLY A 197 11.94 -3.08 -4.72
CA GLY A 197 10.63 -2.74 -4.21
C GLY A 197 10.00 -1.55 -4.90
N VAL A 198 9.19 -0.80 -4.16
CA VAL A 198 8.47 0.37 -4.70
C VAL A 198 8.63 1.69 -3.95
N GLY A 199 9.69 1.80 -3.14
CA GLY A 199 9.94 3.01 -2.37
C GLY A 199 10.33 4.24 -3.17
N ASN A 200 10.72 4.02 -4.43
CA ASN A 200 11.10 5.09 -5.33
C ASN A 200 9.92 5.69 -6.10
N TYR A 201 8.71 5.26 -5.73
CA TYR A 201 7.47 5.75 -6.35
C TYR A 201 6.57 6.27 -5.22
N LYS A 202 5.80 7.31 -5.50
CA LYS A 202 4.92 7.91 -4.49
C LYS A 202 3.57 7.19 -4.46
N LEU A 203 3.61 5.94 -3.98
CA LEU A 203 2.41 5.09 -3.87
C LEU A 203 1.92 5.11 -2.44
N GLY A 204 0.60 5.11 -2.29
CA GLY A 204 -0.02 5.11 -0.97
C GLY A 204 0.48 4.04 -0.03
N GLY A 205 0.75 2.86 -0.62
CA GLY A 205 1.25 1.70 0.11
C GLY A 205 2.52 1.87 0.92
N ASN A 206 3.36 2.83 0.51
CA ASN A 206 4.63 3.09 1.21
C ASN A 206 4.43 3.93 2.49
N TYR A 207 3.24 4.50 2.66
CA TYR A 207 2.96 5.40 3.79
C TYR A 207 2.18 4.89 4.98
N GLY A 208 1.15 4.07 4.73
CA GLY A 208 0.35 3.50 5.81
C GLY A 208 1.17 2.81 6.89
N PRO A 209 2.13 1.91 6.54
CA PRO A 209 2.97 1.22 7.51
C PRO A 209 3.88 2.11 8.36
N THR A 210 4.10 3.35 7.92
CA THR A 210 4.96 4.30 8.63
C THR A 210 4.30 4.95 9.85
N VAL A 211 2.96 4.94 9.91
CA VAL A 211 2.21 5.56 11.01
C VAL A 211 2.60 5.02 12.40
N LEU A 212 2.63 3.69 12.53
CA LEU A 212 3.00 3.03 13.80
C LEU A 212 4.47 3.28 14.17
N VAL A 213 5.34 3.33 13.16
CA VAL A 213 6.76 3.57 13.37
C VAL A 213 7.00 5.01 13.86
N GLN A 214 6.22 5.96 13.32
CA GLN A 214 6.31 7.37 13.73
C GLN A 214 5.84 7.51 15.19
N GLN A 215 4.83 6.72 15.56
CA GLN A 215 4.32 6.75 16.93
C GLN A 215 5.35 6.17 17.90
N GLU A 216 6.15 5.23 17.41
CA GLU A 216 7.21 4.58 18.19
C GLU A 216 8.36 5.59 18.40
N ALA A 217 8.58 6.45 17.41
CA ALA A 217 9.60 7.50 17.48
C ALA A 217 9.22 8.52 18.55
N LEU A 218 7.93 8.87 18.57
CA LEU A 218 7.38 9.83 19.55
C LEU A 218 7.45 9.28 20.97
N LYS A 219 7.19 7.97 21.11
CA LYS A 219 7.23 7.28 22.41
C LYS A 219 8.65 7.19 22.97
N ARG A 220 9.63 7.24 22.06
CA ARG A 220 11.05 7.18 22.42
C ARG A 220 11.72 8.57 22.46
N GLY A 221 10.88 9.61 22.43
CA GLY A 221 11.34 10.99 22.52
C GLY A 221 11.89 11.66 21.28
N CYS A 222 11.56 11.13 20.10
CA CYS A 222 12.03 11.70 18.84
C CYS A 222 10.85 12.22 18.01
N GLU A 223 11.10 13.21 17.15
CA GLU A 223 10.05 13.79 16.31
C GLU A 223 9.80 13.06 14.99
N GLN A 224 10.87 12.59 14.37
CA GLN A 224 10.78 11.88 13.08
C GLN A 224 11.57 10.57 13.13
N VAL A 225 11.45 9.79 12.05
CA VAL A 225 12.15 8.50 11.92
C VAL A 225 13.26 8.63 10.87
N LEU A 226 14.48 8.19 11.22
CA LEU A 226 15.57 8.17 10.26
C LEU A 226 15.54 6.73 9.76
N TRP A 227 15.13 6.57 8.50
CA TRP A 227 15.01 5.24 7.90
C TRP A 227 16.33 4.62 7.47
N LEU A 228 16.69 3.52 8.14
CA LEU A 228 17.92 2.81 7.85
C LEU A 228 17.68 1.62 6.92
N TYR A 229 18.69 1.31 6.11
CA TYR A 229 18.60 0.20 5.16
C TYR A 229 19.89 -0.61 5.05
N GLY A 230 19.72 -1.92 4.89
CA GLY A 230 20.83 -2.84 4.72
C GLY A 230 21.64 -3.18 5.96
N PRO A 231 22.58 -4.15 5.87
CA PRO A 231 23.44 -4.59 6.99
C PRO A 231 24.40 -3.50 7.47
N ASP A 232 24.72 -2.58 6.56
CA ASP A 232 25.64 -1.47 6.85
C ASP A 232 24.94 -0.19 7.35
N HIS A 233 23.63 -0.33 7.64
CA HIS A 233 22.78 0.75 8.15
C HIS A 233 22.89 2.08 7.39
N GLN A 234 22.50 2.03 6.12
CA GLN A 234 22.52 3.19 5.23
C GLN A 234 21.41 4.17 5.60
N LEU A 235 21.73 5.47 5.62
CA LEU A 235 20.74 6.51 5.92
C LEU A 235 19.99 6.75 4.61
N THR A 236 18.67 6.59 4.64
CA THR A 236 17.90 6.76 3.42
C THR A 236 17.00 7.98 3.36
N GLU A 237 16.06 8.07 4.30
CA GLU A 237 15.10 9.17 4.36
C GLU A 237 14.91 9.66 5.81
N VAL A 238 14.43 10.89 5.95
CA VAL A 238 14.12 11.51 7.27
C VAL A 238 12.59 11.62 7.23
N GLY A 239 11.91 10.67 7.87
CA GLY A 239 10.45 10.66 7.87
C GLY A 239 10.01 10.43 6.43
N THR A 240 9.39 11.44 5.85
CA THR A 240 8.98 11.37 4.44
C THR A 240 9.65 12.51 3.67
N MET A 241 10.93 12.72 3.99
CA MET A 241 11.78 13.76 3.38
C MET A 241 13.11 13.11 2.96
N ASN A 242 13.80 13.71 2.01
CA ASN A 242 15.11 13.21 1.58
C ASN A 242 16.17 13.73 2.55
N ILE A 243 17.25 12.99 2.75
CA ILE A 243 18.29 13.41 3.69
C ILE A 243 19.56 13.95 3.05
N PHE A 244 20.10 15.01 3.64
CA PHE A 244 21.34 15.65 3.18
C PHE A 244 22.28 15.83 4.36
N VAL A 245 23.57 15.61 4.11
CA VAL A 245 24.60 15.78 5.13
C VAL A 245 25.65 16.71 4.51
N TYR A 246 26.01 17.75 5.27
CA TYR A 246 27.00 18.74 4.86
C TYR A 246 28.15 18.53 5.84
N TRP A 247 29.28 18.08 5.30
CA TRP A 247 30.45 17.77 6.11
C TRP A 247 31.78 17.85 5.38
N THR A 248 32.86 17.61 6.12
CA THR A 248 34.19 17.51 5.55
C THR A 248 34.30 15.98 5.51
N HIS A 249 34.37 15.42 4.30
CA HIS A 249 34.46 13.97 4.13
C HIS A 249 35.80 13.39 4.58
N GLU A 250 35.89 12.06 4.57
CA GLU A 250 37.08 11.31 4.99
C GLU A 250 38.35 11.62 4.19
N ASP A 251 38.17 12.19 2.99
CA ASP A 251 39.27 12.57 2.12
C ASP A 251 39.71 14.04 2.32
N GLY A 252 39.06 14.71 3.28
CA GLY A 252 39.37 16.10 3.61
C GLY A 252 38.68 17.19 2.79
N VAL A 253 37.75 16.79 1.93
CA VAL A 253 37.03 17.73 1.06
C VAL A 253 35.65 18.09 1.64
N LEU A 254 35.32 19.38 1.58
CA LEU A 254 34.03 19.89 2.05
C LEU A 254 32.98 19.47 1.03
N GLU A 255 31.95 18.76 1.49
CA GLU A 255 30.92 18.29 0.58
C GLU A 255 29.51 18.16 1.13
N LEU A 256 28.57 18.19 0.19
CA LEU A 256 27.15 18.02 0.45
C LEU A 256 26.83 16.69 -0.22
N VAL A 257 26.31 15.76 0.56
CA VAL A 257 25.98 14.43 0.07
C VAL A 257 24.54 14.05 0.38
N THR A 258 23.94 13.30 -0.55
CA THR A 258 22.59 12.79 -0.40
C THR A 258 22.62 11.38 -0.99
N PRO A 259 21.80 10.42 -0.46
CA PRO A 259 21.78 9.05 -0.98
C PRO A 259 21.36 9.00 -2.46
N PRO A 260 21.95 8.06 -3.25
CA PRO A 260 21.61 7.95 -4.67
C PRO A 260 20.29 7.25 -4.95
N LEU A 261 19.81 7.41 -6.18
CA LEU A 261 18.56 6.81 -6.63
C LEU A 261 18.77 5.36 -7.09
N ASN A 262 18.93 4.48 -6.11
CA ASN A 262 19.14 3.05 -6.36
C ASN A 262 17.89 2.20 -6.17
N GLY A 263 16.78 2.84 -5.82
CA GLY A 263 15.52 2.13 -5.63
C GLY A 263 14.80 2.32 -4.30
N VAL A 264 15.55 2.68 -3.25
CA VAL A 264 14.97 2.89 -1.92
C VAL A 264 14.69 4.35 -1.59
N ILE A 265 15.13 5.23 -2.48
CA ILE A 265 14.97 6.68 -2.30
C ILE A 265 13.90 7.21 -3.24
N LEU A 266 13.02 8.05 -2.70
CA LEU A 266 11.99 8.69 -3.51
C LEU A 266 12.70 9.91 -4.13
N PRO A 267 12.74 10.02 -5.47
CA PRO A 267 13.39 11.15 -6.13
C PRO A 267 12.66 12.48 -5.93
N GLY A 268 12.97 13.14 -4.81
CA GLY A 268 12.34 14.41 -4.48
C GLY A 268 12.65 15.57 -5.41
N VAL A 269 11.67 16.44 -5.62
CA VAL A 269 11.81 17.63 -6.47
C VAL A 269 12.68 18.66 -5.75
N VAL A 270 12.51 18.80 -4.43
CA VAL A 270 13.33 19.73 -3.65
C VAL A 270 14.76 19.17 -3.59
N ARG A 271 14.87 17.85 -3.47
CA ARG A 271 16.16 17.14 -3.44
C ARG A 271 16.98 17.46 -4.68
N GLN A 272 16.34 17.32 -5.85
CA GLN A 272 16.97 17.59 -7.14
C GLN A 272 17.35 19.06 -7.28
N SER A 273 16.51 19.94 -6.73
CA SER A 273 16.73 21.39 -6.76
C SER A 273 17.91 21.84 -5.91
N LEU A 274 18.10 21.21 -4.74
CA LEU A 274 19.20 21.54 -3.84
C LEU A 274 20.53 21.07 -4.43
N LEU A 275 20.49 19.93 -5.12
CA LEU A 275 21.65 19.38 -5.80
C LEU A 275 22.05 20.27 -6.97
N ASP A 276 21.04 20.71 -7.75
CA ASP A 276 21.25 21.59 -8.91
C ASP A 276 21.79 22.96 -8.50
N MET A 277 21.20 23.53 -7.44
CA MET A 277 21.56 24.84 -6.91
C MET A 277 22.99 24.87 -6.36
N ALA A 278 23.32 23.86 -5.55
CA ALA A 278 24.65 23.76 -4.95
C ALA A 278 25.75 23.45 -5.98
N GLN A 279 25.36 22.75 -7.05
CA GLN A 279 26.28 22.40 -8.15
C GLN A 279 26.62 23.67 -8.95
N THR A 280 25.61 24.51 -9.16
CA THR A 280 25.76 25.78 -9.91
C THR A 280 26.69 26.75 -9.19
N TRP A 281 26.65 26.77 -7.85
CA TRP A 281 27.50 27.65 -7.04
C TRP A 281 28.98 27.29 -7.24
N GLY A 282 29.26 25.99 -7.28
CA GLY A 282 30.62 25.47 -7.47
C GLY A 282 31.60 25.83 -6.36
N GLU A 283 31.08 25.93 -5.14
CA GLU A 283 31.86 26.30 -3.96
C GLU A 283 32.38 25.11 -3.16
N PHE A 284 31.71 23.97 -3.29
CA PHE A 284 32.08 22.72 -2.62
C PHE A 284 31.62 21.51 -3.45
N ARG A 285 32.06 20.31 -3.06
CA ARG A 285 31.69 19.09 -3.78
C ARG A 285 30.23 18.73 -3.47
N VAL A 286 29.48 18.36 -4.51
CA VAL A 286 28.06 18.00 -4.40
C VAL A 286 27.91 16.62 -5.04
N VAL A 287 27.60 15.62 -4.22
CA VAL A 287 27.48 14.24 -4.71
C VAL A 287 26.25 13.47 -4.25
N GLU A 288 25.97 12.40 -4.99
CA GLU A 288 24.90 11.47 -4.69
C GLU A 288 25.69 10.20 -4.36
N ARG A 289 25.71 9.83 -3.09
CA ARG A 289 26.46 8.65 -2.60
C ARG A 289 25.83 8.13 -1.31
N THR A 290 25.97 6.82 -1.10
CA THR A 290 25.45 6.13 0.09
C THR A 290 26.14 6.68 1.34
N ILE A 291 25.34 6.90 2.39
CA ILE A 291 25.82 7.41 3.67
C ILE A 291 25.50 6.32 4.70
N THR A 292 26.50 5.86 5.44
CA THR A 292 26.28 4.83 6.46
C THR A 292 26.41 5.42 7.85
N MET A 293 25.78 4.76 8.84
CA MET A 293 25.85 5.23 10.22
C MET A 293 27.27 5.18 10.77
N LYS A 294 28.08 4.24 10.25
CA LYS A 294 29.48 4.10 10.65
C LYS A 294 30.25 5.35 10.22
N GLN A 295 29.97 5.83 9.01
CA GLN A 295 30.59 7.03 8.45
C GLN A 295 30.16 8.29 9.22
N LEU A 296 28.86 8.38 9.54
CA LEU A 296 28.32 9.52 10.28
C LEU A 296 28.84 9.57 11.73
N LEU A 297 28.89 8.40 12.39
CA LEU A 297 29.40 8.28 13.77
C LEU A 297 30.83 8.79 13.87
N ARG A 298 31.66 8.33 12.95
CA ARG A 298 33.08 8.70 12.87
C ARG A 298 33.25 10.19 12.58
N ALA A 299 32.44 10.72 11.67
CA ALA A 299 32.50 12.14 11.29
C ALA A 299 32.07 13.06 12.43
N LEU A 300 31.10 12.61 13.23
CA LEU A 300 30.60 13.38 14.38
C LEU A 300 31.63 13.44 15.50
N GLU A 301 32.27 12.29 15.78
CA GLU A 301 33.30 12.18 16.82
C GLU A 301 34.56 12.97 16.47
N GLU A 302 34.80 13.12 15.16
CA GLU A 302 35.94 13.86 14.64
C GLU A 302 35.61 15.34 14.35
N GLY A 303 34.37 15.74 14.69
CA GLY A 303 33.90 17.11 14.51
C GLY A 303 33.88 17.61 13.07
N ARG A 304 33.66 16.69 12.14
CA ARG A 304 33.63 16.99 10.72
C ARG A 304 32.26 17.33 10.13
N VAL A 305 31.20 17.04 10.88
CA VAL A 305 29.83 17.34 10.43
C VAL A 305 29.45 18.77 10.73
N ARG A 306 28.93 19.44 9.70
CA ARG A 306 28.48 20.82 9.83
C ARG A 306 26.97 20.89 9.99
N GLU A 307 26.23 20.33 9.03
CA GLU A 307 24.77 20.35 9.03
C GLU A 307 24.13 19.08 8.47
N VAL A 308 22.99 18.69 9.05
CA VAL A 308 22.21 17.54 8.54
C VAL A 308 20.78 18.06 8.43
N PHE A 309 20.14 17.76 7.31
CA PHE A 309 18.78 18.20 7.06
C PHE A 309 17.94 17.32 6.15
N GLY A 310 16.63 17.50 6.28
CA GLY A 310 15.67 16.79 5.46
C GLY A 310 15.10 17.76 4.43
N SER A 311 14.70 17.23 3.26
CA SER A 311 14.13 18.08 2.21
C SER A 311 12.84 17.49 1.66
N GLY A 312 11.87 18.37 1.38
CA GLY A 312 10.59 17.93 0.85
C GLY A 312 9.72 19.14 0.55
N THR A 313 8.59 18.94 -0.13
CA THR A 313 7.69 20.06 -0.47
C THR A 313 7.09 20.75 0.76
N ALA A 314 6.68 19.96 1.76
CA ALA A 314 6.10 20.47 3.00
C ALA A 314 7.04 21.37 3.82
N CYS A 315 8.28 20.92 4.03
N CYS A 315 8.28 20.90 3.98
CA CYS A 315 9.22 21.67 4.85
CA CYS A 315 9.33 21.64 4.67
C CYS A 315 10.37 22.45 4.19
C CYS A 315 10.50 21.60 3.70
N GLN A 316 10.65 22.15 2.91
N GLN A 316 10.75 22.73 3.04
CA GLN A 316 11.73 22.74 2.10
CA GLN A 316 11.82 22.91 2.06
C GLN A 316 13.10 22.25 2.60
C GLN A 316 13.17 22.37 2.52
N VAL A 317 13.60 22.82 3.71
CA VAL A 317 14.87 22.41 4.33
C VAL A 317 14.64 22.35 5.84
N CYS A 318 14.64 21.13 6.38
CA CYS A 318 14.38 20.83 7.79
C CYS A 318 15.63 20.44 8.59
N PRO A 319 16.13 21.31 9.49
CA PRO A 319 17.32 20.98 10.28
C PRO A 319 17.16 19.84 11.30
N VAL A 320 18.23 19.07 11.46
CA VAL A 320 18.27 17.93 12.39
C VAL A 320 19.33 18.22 13.46
N HIS A 321 18.96 18.13 14.73
CA HIS A 321 19.90 18.38 15.83
C HIS A 321 20.28 17.15 16.66
N ARG A 322 19.56 16.05 16.48
CA ARG A 322 19.81 14.83 17.25
C ARG A 322 19.33 13.56 16.55
N ILE A 323 20.11 12.49 16.71
CA ILE A 323 19.80 11.17 16.19
C ILE A 323 19.98 10.17 17.34
N LEU A 324 18.97 9.34 17.57
CA LEU A 324 19.02 8.32 18.62
C LEU A 324 19.28 6.99 17.90
N TYR A 325 20.55 6.56 17.93
CA TYR A 325 21.00 5.33 17.27
C TYR A 325 21.55 4.33 18.29
N LYS A 326 21.02 3.09 18.24
CA LYS A 326 21.38 1.99 19.14
C LYS A 326 21.34 2.42 20.62
N ASP A 327 20.29 3.19 20.92
CA ASP A 327 20.01 3.78 22.24
C ASP A 327 21.05 4.80 22.73
N ARG A 328 21.82 5.35 21.79
CA ARG A 328 22.84 6.35 22.08
C ARG A 328 22.47 7.67 21.41
N ASN A 329 22.60 8.77 22.15
CA ASN A 329 22.30 10.09 21.64
C ASN A 329 23.49 10.62 20.86
N LEU A 330 23.20 11.16 19.68
CA LEU A 330 24.21 11.74 18.80
C LEU A 330 23.79 13.16 18.49
N HIS A 331 24.48 14.15 19.08
CA HIS A 331 24.16 15.54 18.81
C HIS A 331 24.72 15.92 17.44
N ILE A 332 23.87 16.50 16.61
CA ILE A 332 24.27 16.96 15.28
C ILE A 332 24.37 18.50 15.44
N PRO A 333 25.58 19.07 15.31
CA PRO A 333 25.82 20.51 15.43
C PRO A 333 25.28 21.49 14.39
N THR A 334 24.18 21.10 13.74
CA THR A 334 23.51 21.90 12.72
C THR A 334 23.20 23.35 13.11
N MET A 335 22.52 23.53 14.25
CA MET A 335 22.15 24.87 14.72
C MET A 335 23.31 25.70 15.26
N GLU A 336 24.39 25.02 15.63
CA GLU A 336 25.57 25.71 16.15
C GLU A 336 26.49 26.13 15.01
N ASN A 337 26.17 25.69 13.80
CA ASN A 337 26.92 26.03 12.60
C ASN A 337 26.14 27.01 11.71
N GLY A 338 25.26 27.79 12.34
CA GLY A 338 24.46 28.78 11.63
C GLY A 338 22.95 28.64 11.81
N PRO A 339 22.27 27.72 11.07
CA PRO A 339 22.73 26.78 10.05
C PRO A 339 22.94 27.46 8.69
N GLU A 340 24.20 27.80 8.41
CA GLU A 340 24.63 28.51 7.21
C GLU A 340 24.09 28.05 5.86
N LEU A 341 24.28 26.76 5.55
CA LEU A 341 23.81 26.23 4.27
C LEU A 341 22.27 26.16 4.17
N ILE A 342 21.62 25.74 5.26
CA ILE A 342 20.16 25.66 5.31
C ILE A 342 19.55 27.05 5.10
N LEU A 343 20.12 28.06 5.74
CA LEU A 343 19.64 29.45 5.61
C LEU A 343 19.85 30.00 4.20
N ARG A 344 20.95 29.58 3.56
CA ARG A 344 21.27 30.00 2.20
C ARG A 344 20.30 29.35 1.20
N PHE A 345 20.01 28.07 1.41
CA PHE A 345 19.06 27.31 0.58
C PHE A 345 17.65 27.90 0.72
N GLN A 346 17.27 28.22 1.95
CA GLN A 346 15.95 28.79 2.27
C GLN A 346 15.73 30.13 1.58
N LYS A 347 16.74 31.00 1.64
CA LYS A 347 16.73 32.33 1.03
C LYS A 347 16.62 32.27 -0.49
N GLU A 348 17.49 31.47 -1.12
CA GLU A 348 17.52 31.34 -2.57
C GLU A 348 16.29 30.64 -3.15
N LEU A 349 15.70 29.72 -2.39
CA LEU A 349 14.48 29.02 -2.82
C LEU A 349 13.30 29.99 -2.76
N LYS A 350 13.22 30.79 -1.69
CA LYS A 350 12.14 31.78 -1.51
C LYS A 350 12.18 32.90 -2.55
N GLU A 351 13.38 33.27 -3.00
CA GLU A 351 13.57 34.30 -4.02
C GLU A 351 13.04 33.84 -5.38
N ILE A 352 13.24 32.55 -5.67
CA ILE A 352 12.80 31.92 -6.91
C ILE A 352 11.29 31.64 -6.84
N GLN A 353 10.85 31.10 -5.71
CA GLN A 353 9.45 30.74 -5.49
C GLN A 353 8.42 31.87 -5.43
N TYR A 354 8.77 32.97 -4.77
CA TYR A 354 7.87 34.11 -4.64
C TYR A 354 8.03 35.20 -5.72
N GLY A 355 8.80 34.89 -6.76
CA GLY A 355 9.00 35.78 -7.87
C GLY A 355 9.83 37.05 -7.70
N ILE A 356 10.76 37.05 -6.75
CA ILE A 356 11.65 38.20 -6.51
C ILE A 356 12.73 38.15 -7.58
N ARG A 357 13.06 36.93 -8.00
CA ARG A 357 14.04 36.64 -9.04
C ARG A 357 13.35 35.71 -10.05
N ALA A 358 13.38 36.09 -11.33
CA ALA A 358 12.77 35.30 -12.40
C ALA A 358 13.64 34.07 -12.68
N HIS A 359 13.01 32.91 -12.82
CA HIS A 359 13.71 31.65 -13.05
C HIS A 359 12.93 30.65 -13.92
N GLU A 360 13.68 29.78 -14.60
CA GLU A 360 13.14 28.72 -15.48
C GLU A 360 12.36 27.64 -14.71
N TRP A 361 12.64 27.54 -13.41
CA TRP A 361 12.00 26.57 -12.52
C TRP A 361 10.53 26.85 -12.22
N MET A 362 10.12 28.11 -12.39
CA MET A 362 8.75 28.50 -12.11
C MET A 362 7.83 28.48 -13.32
N PHE A 363 6.65 27.90 -13.10
CA PHE A 363 5.59 27.76 -14.11
C PHE A 363 4.46 28.72 -13.70
N PRO A 364 4.24 29.80 -14.49
CA PRO A 364 3.18 30.77 -14.17
C PRO A 364 1.77 30.22 -14.36
N VAL A 365 0.88 30.56 -13.43
CA VAL A 365 -0.52 30.15 -13.50
C VAL A 365 -1.35 31.30 -14.08
N SER B 3 -13.38 0.69 23.11
CA SER B 3 -14.59 -0.18 23.18
C SER B 3 -14.84 -0.87 21.83
N SER B 4 -16.02 -1.47 21.68
CA SER B 4 -16.40 -2.18 20.46
C SER B 4 -17.88 -2.06 20.15
N PHE B 5 -18.21 -2.23 18.86
CA PHE B 5 -19.60 -2.22 18.41
C PHE B 5 -20.19 -3.56 18.83
N LYS B 6 -21.50 -3.58 19.08
CA LYS B 6 -22.16 -4.81 19.50
C LYS B 6 -23.14 -5.30 18.44
N ALA B 7 -23.13 -6.63 18.24
CA ALA B 7 -24.00 -7.30 17.28
C ALA B 7 -25.48 -7.22 17.70
N ALA B 8 -25.70 -6.96 18.98
CA ALA B 8 -27.05 -6.82 19.55
C ALA B 8 -27.68 -5.47 19.14
N ASP B 9 -26.83 -4.54 18.70
CA ASP B 9 -27.24 -3.20 18.25
C ASP B 9 -27.42 -3.12 16.74
N LEU B 10 -27.27 -4.26 16.07
CA LEU B 10 -27.38 -4.38 14.62
C LEU B 10 -28.73 -3.96 14.01
N GLN B 11 -28.66 -3.00 13.09
CA GLN B 11 -29.81 -2.46 12.37
C GLN B 11 -29.90 -3.07 10.97
N LEU B 12 -31.04 -3.64 10.65
CA LEU B 12 -31.25 -4.28 9.35
C LEU B 12 -32.19 -3.49 8.42
N GLU B 13 -31.66 -3.13 7.26
CA GLU B 13 -32.40 -2.41 6.23
C GLU B 13 -32.32 -3.28 4.97
N MET B 14 -33.43 -3.95 4.66
CA MET B 14 -33.51 -4.82 3.50
C MET B 14 -33.64 -4.07 2.18
N THR B 15 -33.17 -4.70 1.11
CA THR B 15 -33.20 -4.11 -0.22
C THR B 15 -34.58 -4.03 -0.86
N GLN B 16 -34.83 -2.90 -1.53
CA GLN B 16 -36.08 -2.66 -2.23
C GLN B 16 -35.93 -3.07 -3.69
N LYS B 17 -34.67 -3.20 -4.13
CA LYS B 17 -34.32 -3.58 -5.51
C LYS B 17 -33.33 -4.76 -5.50
N PRO B 18 -33.85 -6.00 -5.46
CA PRO B 18 -33.02 -7.22 -5.47
C PRO B 18 -32.50 -7.60 -6.84
N HIS B 19 -31.20 -7.88 -6.91
CA HIS B 19 -30.53 -8.28 -8.15
C HIS B 19 -30.84 -9.74 -8.47
N LYS B 20 -30.83 -10.09 -9.76
CA LYS B 20 -31.08 -11.46 -10.18
C LYS B 20 -29.85 -12.32 -9.87
N LYS B 21 -30.11 -13.48 -9.27
CA LYS B 21 -29.06 -14.43 -8.89
C LYS B 21 -28.60 -15.23 -10.12
N PRO B 22 -27.29 -15.57 -10.22
CA PRO B 22 -26.76 -16.33 -11.37
C PRO B 22 -27.47 -17.67 -11.61
N GLY B 23 -27.65 -18.45 -10.54
CA GLY B 23 -28.33 -19.74 -10.63
C GLY B 23 -27.71 -20.89 -11.41
N PRO B 24 -28.53 -21.80 -11.98
CA PRO B 24 -28.11 -22.97 -12.76
C PRO B 24 -27.30 -22.73 -14.05
N GLY B 25 -26.09 -23.29 -14.07
CA GLY B 25 -25.19 -23.23 -15.21
C GLY B 25 -24.74 -21.90 -15.79
N GLU B 26 -24.52 -20.90 -14.92
CA GLU B 26 -24.06 -19.58 -15.38
C GLU B 26 -22.60 -19.36 -14.93
N PRO B 27 -21.72 -18.86 -15.85
CA PRO B 27 -20.31 -18.61 -15.53
C PRO B 27 -20.03 -17.55 -14.47
N LEU B 28 -19.46 -18.00 -13.35
CA LEU B 28 -19.11 -17.13 -12.23
C LEU B 28 -17.63 -16.80 -12.23
N VAL B 29 -17.32 -15.51 -12.40
CA VAL B 29 -15.94 -15.01 -12.38
C VAL B 29 -15.69 -14.58 -10.94
N PHE B 30 -14.51 -14.91 -10.42
CA PHE B 30 -14.11 -14.59 -9.05
C PHE B 30 -14.16 -13.09 -8.73
N GLY B 31 -14.94 -12.76 -7.71
CA GLY B 31 -15.09 -11.39 -7.22
C GLY B 31 -15.69 -10.31 -8.10
N LYS B 32 -16.56 -10.70 -9.03
CA LYS B 32 -17.21 -9.75 -9.93
C LYS B 32 -18.72 -9.69 -9.77
N THR B 33 -19.28 -10.66 -9.04
CA THR B 33 -20.72 -10.72 -8.79
C THR B 33 -20.93 -10.52 -7.30
N PHE B 34 -21.77 -9.55 -6.95
CA PHE B 34 -22.03 -9.23 -5.54
C PHE B 34 -23.45 -9.49 -5.11
N THR B 35 -23.60 -9.76 -3.80
CA THR B 35 -24.89 -10.04 -3.20
C THR B 35 -25.74 -8.79 -2.94
N ASP B 36 -26.96 -8.98 -2.44
CA ASP B 36 -27.88 -7.87 -2.18
C ASP B 36 -27.57 -6.92 -1.05
N HIS B 37 -26.88 -7.41 -0.01
CA HIS B 37 -26.58 -6.59 1.16
C HIS B 37 -25.11 -6.52 1.54
N MET B 38 -24.79 -5.59 2.44
CA MET B 38 -23.44 -5.38 2.93
C MET B 38 -23.48 -4.93 4.40
N LEU B 39 -22.39 -5.18 5.14
CA LEU B 39 -22.30 -4.74 6.54
C LEU B 39 -21.52 -3.43 6.52
N MET B 40 -21.91 -2.49 7.38
CA MET B 40 -21.24 -1.18 7.48
C MET B 40 -21.22 -0.72 8.94
N VAL B 41 -20.03 -0.39 9.43
CA VAL B 41 -19.85 0.12 10.80
C VAL B 41 -18.89 1.30 10.74
N GLU B 42 -19.32 2.43 11.32
CA GLU B 42 -18.51 3.65 11.34
C GLU B 42 -17.82 3.88 12.68
N TRP B 43 -16.64 4.51 12.63
CA TRP B 43 -15.86 4.83 13.83
C TRP B 43 -15.40 6.28 13.77
N ASN B 44 -15.44 6.96 14.91
CA ASN B 44 -14.97 8.35 15.04
C ASN B 44 -14.38 8.58 16.44
N ASP B 45 -14.41 9.83 16.92
CA ASP B 45 -13.88 10.20 18.23
C ASP B 45 -14.62 9.59 19.43
N LYS B 46 -15.94 9.48 19.29
CA LYS B 46 -16.78 8.91 20.34
C LYS B 46 -16.94 7.38 20.26
N GLY B 47 -15.99 6.73 19.57
CA GLY B 47 -16.01 5.29 19.42
C GLY B 47 -16.76 4.77 18.22
N TRP B 48 -17.19 3.51 18.30
CA TRP B 48 -17.93 2.87 17.22
C TRP B 48 -19.41 3.18 17.23
N GLY B 49 -19.97 3.25 16.02
CA GLY B 49 -21.39 3.48 15.86
C GLY B 49 -22.07 2.12 15.86
N GLN B 50 -23.38 2.09 15.70
CA GLN B 50 -24.13 0.83 15.66
C GLN B 50 -23.90 0.15 14.31
N PRO B 51 -23.73 -1.20 14.31
CA PRO B 51 -23.51 -1.92 13.04
C PRO B 51 -24.79 -1.93 12.22
N ARG B 52 -24.64 -1.91 10.90
CA ARG B 52 -25.82 -1.94 10.04
C ARG B 52 -25.66 -2.80 8.80
N ILE B 53 -26.72 -3.55 8.50
CA ILE B 53 -26.79 -4.36 7.30
C ILE B 53 -27.72 -3.51 6.44
N GLN B 54 -27.16 -2.97 5.35
CA GLN B 54 -27.88 -2.08 4.44
C GLN B 54 -27.80 -2.67 3.02
N PRO B 55 -28.63 -2.16 2.05
CA PRO B 55 -28.57 -2.71 0.69
C PRO B 55 -27.19 -2.43 0.07
N PHE B 56 -26.80 -3.26 -0.90
CA PHE B 56 -25.52 -3.09 -1.59
C PHE B 56 -25.56 -1.74 -2.31
N GLN B 57 -24.62 -0.87 -1.95
CA GLN B 57 -24.55 0.46 -2.51
C GLN B 57 -23.12 0.98 -2.51
N ASN B 58 -22.90 2.09 -3.21
CA ASN B 58 -21.59 2.71 -3.28
C ASN B 58 -21.22 3.42 -1.98
N LEU B 59 -19.91 3.57 -1.78
CA LEU B 59 -19.38 4.26 -0.61
C LEU B 59 -19.22 5.72 -0.99
N THR B 60 -19.50 6.61 -0.04
CA THR B 60 -19.38 8.05 -0.21
C THR B 60 -18.17 8.43 0.65
N LEU B 61 -17.05 8.73 -0.01
CA LEU B 61 -15.81 9.09 0.68
C LEU B 61 -15.32 10.48 0.33
N HIS B 62 -14.80 11.18 1.34
CA HIS B 62 -14.22 12.53 1.19
C HIS B 62 -12.97 12.35 0.32
N PRO B 63 -12.69 13.26 -0.65
CA PRO B 63 -11.50 13.16 -1.52
C PRO B 63 -10.16 13.03 -0.82
N ALA B 64 -10.09 13.48 0.43
CA ALA B 64 -8.88 13.42 1.23
C ALA B 64 -8.81 12.20 2.13
N SER B 65 -9.78 11.28 2.00
CA SER B 65 -9.84 10.05 2.81
C SER B 65 -8.50 9.34 2.79
N SER B 66 -7.91 9.17 3.98
CA SER B 66 -6.60 8.54 4.14
C SER B 66 -6.47 7.11 3.58
N SER B 67 -7.61 6.50 3.27
CA SER B 67 -7.68 5.15 2.68
C SER B 67 -7.19 5.16 1.23
N LEU B 68 -7.36 6.32 0.58
CA LEU B 68 -6.99 6.52 -0.81
C LEU B 68 -5.65 7.20 -1.06
N HIS B 69 -5.11 7.87 -0.05
CA HIS B 69 -3.84 8.56 -0.20
C HIS B 69 -2.67 7.80 0.41
N TYR B 70 -2.87 7.29 1.63
CA TYR B 70 -1.82 6.60 2.37
C TYR B 70 -2.06 5.12 2.65
N SER B 71 -2.94 4.52 1.87
CA SER B 71 -3.25 3.08 1.99
C SER B 71 -3.58 2.58 3.40
N LEU B 72 -4.39 3.34 4.12
CA LEU B 72 -4.83 2.92 5.45
C LEU B 72 -6.03 2.03 5.16
N GLN B 73 -5.69 0.81 4.75
CA GLN B 73 -6.65 -0.22 4.35
C GLN B 73 -6.11 -1.62 4.58
N LEU B 74 -7.02 -2.51 4.94
CA LEU B 74 -6.71 -3.92 5.16
C LEU B 74 -7.95 -4.70 4.77
N PHE B 75 -7.76 -5.99 4.55
CA PHE B 75 -8.87 -6.84 4.18
C PHE B 75 -8.68 -8.25 4.68
N GLU B 76 -9.76 -9.02 4.58
CA GLU B 76 -9.74 -10.41 4.94
C GLU B 76 -10.44 -11.19 3.85
N GLY B 77 -10.29 -12.50 3.89
CA GLY B 77 -10.90 -13.35 2.90
C GLY B 77 -11.16 -14.72 3.48
N MET B 78 -12.43 -15.11 3.48
CA MET B 78 -12.83 -16.41 3.98
C MET B 78 -14.06 -16.86 3.20
N LYS B 79 -14.39 -18.13 3.30
CA LYS B 79 -15.53 -18.68 2.58
C LYS B 79 -16.61 -19.30 3.45
N ALA B 80 -17.84 -19.17 2.95
CA ALA B 80 -19.03 -19.75 3.57
C ALA B 80 -19.40 -20.86 2.58
N PHE B 81 -19.70 -22.05 3.10
CA PHE B 81 -20.02 -23.21 2.27
C PHE B 81 -21.41 -23.72 2.55
N LYS B 82 -22.12 -24.11 1.50
CA LYS B 82 -23.47 -24.63 1.61
C LYS B 82 -23.48 -26.12 1.29
N GLY B 83 -23.91 -26.92 2.27
CA GLY B 83 -24.00 -28.36 2.11
C GLY B 83 -25.23 -28.72 1.29
N LYS B 84 -25.35 -29.98 0.88
CA LYS B 84 -26.49 -30.43 0.06
C LYS B 84 -27.87 -30.17 0.67
N ASP B 85 -27.95 -30.22 1.99
CA ASP B 85 -29.21 -29.99 2.74
C ASP B 85 -29.50 -28.51 3.04
N GLN B 86 -28.77 -27.62 2.35
CA GLN B 86 -28.89 -26.16 2.45
C GLN B 86 -28.32 -25.45 3.69
N GLN B 87 -27.57 -26.18 4.53
CA GLN B 87 -26.96 -25.59 5.72
C GLN B 87 -25.66 -24.87 5.33
N VAL B 88 -25.55 -23.60 5.73
CA VAL B 88 -24.37 -22.77 5.44
C VAL B 88 -23.42 -22.74 6.64
N ARG B 89 -22.12 -22.93 6.38
CA ARG B 89 -21.08 -22.95 7.42
C ARG B 89 -19.83 -22.17 7.02
N LEU B 90 -19.19 -21.50 7.99
CA LEU B 90 -17.94 -20.76 7.75
C LEU B 90 -16.76 -21.61 8.21
N PHE B 91 -15.64 -21.52 7.47
CA PHE B 91 -14.41 -22.28 7.78
C PHE B 91 -13.43 -21.48 8.63
N ARG B 92 -13.20 -21.95 9.86
CA ARG B 92 -12.29 -21.33 10.86
C ARG B 92 -12.28 -19.78 10.86
N PRO B 93 -13.48 -19.14 10.92
CA PRO B 93 -13.52 -17.67 10.89
C PRO B 93 -12.82 -16.91 12.01
N TRP B 94 -12.65 -17.59 13.16
CA TRP B 94 -11.98 -17.02 14.34
C TRP B 94 -10.54 -16.62 14.01
N LEU B 95 -9.90 -17.41 13.16
CA LEU B 95 -8.53 -17.14 12.72
C LEU B 95 -8.45 -15.93 11.80
N ASN B 96 -9.48 -15.73 10.98
CA ASN B 96 -9.55 -14.57 10.08
C ASN B 96 -9.81 -13.30 10.91
N MET B 97 -10.56 -13.46 12.01
CA MET B 97 -10.86 -12.33 12.91
C MET B 97 -9.60 -11.93 13.67
N ASP B 98 -8.81 -12.93 14.07
CA ASP B 98 -7.54 -12.73 14.79
C ASP B 98 -6.56 -11.98 13.88
N ARG B 99 -6.49 -12.41 12.62
CA ARG B 99 -5.60 -11.81 11.63
C ARG B 99 -6.00 -10.39 11.26
N MET B 100 -7.31 -10.15 11.18
CA MET B 100 -7.86 -8.83 10.87
C MET B 100 -7.50 -7.83 11.96
N LEU B 101 -7.54 -8.29 13.21
CA LEU B 101 -7.22 -7.46 14.38
C LEU B 101 -5.73 -7.11 14.39
N ARG B 102 -4.89 -8.07 14.01
CA ARG B 102 -3.44 -7.85 13.94
C ARG B 102 -3.12 -6.84 12.84
N SER B 103 -3.86 -6.93 11.74
CA SER B 103 -3.71 -6.00 10.61
C SER B 103 -4.12 -4.59 11.03
N ALA B 104 -5.19 -4.49 11.82
CA ALA B 104 -5.72 -3.22 12.33
C ALA B 104 -4.72 -2.51 13.23
N MET B 105 -4.07 -3.29 14.10
N MET B 105 -4.05 -3.28 14.09
CA MET B 105 -3.07 -2.76 15.03
CA MET B 105 -3.06 -2.76 15.02
C MET B 105 -1.84 -2.21 14.30
C MET B 105 -1.79 -2.25 14.34
N ARG B 106 -1.42 -2.90 13.24
CA ARG B 106 -0.24 -2.51 12.44
C ARG B 106 -0.44 -1.19 11.69
N LEU B 107 -1.68 -0.89 11.29
CA LEU B 107 -1.98 0.34 10.58
C LEU B 107 -2.63 1.43 11.44
N CYS B 108 -2.60 1.23 12.77
CA CYS B 108 -3.18 2.17 13.75
C CYS B 108 -4.66 2.45 13.52
N LEU B 109 -5.37 1.40 13.08
CA LEU B 109 -6.79 1.45 12.83
C LEU B 109 -7.47 0.91 14.10
N PRO B 110 -8.72 1.32 14.38
CA PRO B 110 -9.43 0.85 15.59
C PRO B 110 -9.66 -0.64 15.81
N SER B 111 -9.50 -1.04 17.07
CA SER B 111 -9.73 -2.41 17.48
C SER B 111 -11.23 -2.62 17.66
N PHE B 112 -11.62 -3.88 17.57
CA PHE B 112 -13.01 -4.32 17.74
C PHE B 112 -12.97 -5.68 18.39
N ASP B 113 -14.12 -6.16 18.88
CA ASP B 113 -14.19 -7.49 19.48
C ASP B 113 -14.39 -8.49 18.35
N LYS B 114 -13.51 -9.49 18.30
CA LYS B 114 -13.50 -10.57 17.30
C LYS B 114 -14.86 -11.27 17.14
N LEU B 115 -15.47 -11.63 18.28
CA LEU B 115 -16.76 -12.32 18.29
C LEU B 115 -17.97 -11.48 17.91
N GLU B 116 -17.89 -10.16 18.14
CA GLU B 116 -18.99 -9.27 17.77
C GLU B 116 -19.02 -9.07 16.26
N LEU B 117 -17.84 -8.99 15.63
CA LEU B 117 -17.76 -8.86 14.18
C LEU B 117 -18.20 -10.18 13.53
N LEU B 118 -17.80 -11.30 14.14
CA LEU B 118 -18.16 -12.62 13.63
C LEU B 118 -19.68 -12.82 13.59
N GLU B 119 -20.36 -12.38 14.65
CA GLU B 119 -21.82 -12.48 14.72
C GLU B 119 -22.49 -11.54 13.71
N CYS B 120 -21.85 -10.40 13.44
CA CYS B 120 -22.37 -9.43 12.46
C CYS B 120 -22.25 -10.01 11.05
N ILE B 121 -21.15 -10.72 10.80
CA ILE B 121 -20.90 -11.38 9.52
C ILE B 121 -21.86 -12.57 9.34
N ARG B 122 -22.13 -13.30 10.43
CA ARG B 122 -23.04 -14.45 10.41
C ARG B 122 -24.45 -13.98 10.04
N ARG B 123 -24.86 -12.85 10.62
CA ARG B 123 -26.17 -12.26 10.35
C ARG B 123 -26.31 -11.76 8.92
N LEU B 124 -25.19 -11.26 8.36
CA LEU B 124 -25.15 -10.75 6.98
C LEU B 124 -25.30 -11.92 6.00
N ILE B 125 -24.58 -13.01 6.25
CA ILE B 125 -24.63 -14.20 5.40
C ILE B 125 -26.01 -14.84 5.51
N GLU B 126 -26.62 -14.77 6.70
CA GLU B 126 -27.97 -15.30 6.94
C GLU B 126 -29.02 -14.56 6.09
N VAL B 127 -28.88 -13.24 6.00
CA VAL B 127 -29.78 -12.39 5.21
C VAL B 127 -29.64 -12.73 3.71
N ASP B 128 -28.40 -12.95 3.28
CA ASP B 128 -28.12 -13.30 1.88
C ASP B 128 -27.82 -14.79 1.68
N LYS B 129 -28.42 -15.65 2.52
CA LYS B 129 -28.21 -17.11 2.47
C LYS B 129 -28.52 -17.80 1.14
N ASP B 130 -29.53 -17.30 0.42
CA ASP B 130 -29.93 -17.85 -0.88
C ASP B 130 -28.89 -17.60 -1.98
N TRP B 131 -27.98 -16.67 -1.71
CA TRP B 131 -26.91 -16.32 -2.63
C TRP B 131 -25.74 -17.30 -2.59
N VAL B 132 -25.64 -18.07 -1.51
CA VAL B 132 -24.57 -19.08 -1.35
C VAL B 132 -24.91 -20.27 -2.26
N PRO B 133 -24.06 -20.54 -3.27
CA PRO B 133 -24.32 -21.67 -4.19
C PRO B 133 -24.04 -23.04 -3.54
N ASP B 134 -24.70 -24.09 -4.04
CA ASP B 134 -24.53 -25.43 -3.48
C ASP B 134 -23.88 -26.46 -4.41
N ALA B 135 -23.51 -26.03 -5.62
CA ALA B 135 -22.86 -26.91 -6.60
C ALA B 135 -21.46 -27.29 -6.10
N ALA B 136 -20.96 -28.43 -6.57
CA ALA B 136 -19.66 -28.97 -6.18
C ALA B 136 -18.49 -27.99 -6.32
N GLY B 137 -17.79 -27.79 -5.21
CA GLY B 137 -16.64 -26.89 -5.17
C GLY B 137 -16.94 -25.40 -5.08
N THR B 138 -18.22 -25.03 -5.16
CA THR B 138 -18.61 -23.62 -5.09
C THR B 138 -18.75 -23.11 -3.66
N SER B 139 -18.74 -21.79 -3.49
CA SER B 139 -18.84 -21.16 -2.17
C SER B 139 -19.22 -19.69 -2.27
N LEU B 140 -19.31 -19.05 -1.11
CA LEU B 140 -19.59 -17.62 -1.02
C LEU B 140 -18.32 -17.02 -0.43
N TYR B 141 -17.69 -16.10 -1.16
CA TYR B 141 -16.48 -15.44 -0.69
C TYR B 141 -16.89 -14.24 0.16
N VAL B 142 -16.37 -14.19 1.38
CA VAL B 142 -16.65 -13.13 2.34
C VAL B 142 -15.45 -12.18 2.36
N ARG B 143 -15.71 -10.89 2.15
CA ARG B 143 -14.65 -9.90 2.12
C ARG B 143 -14.82 -8.73 3.12
N PRO B 144 -14.25 -8.88 4.34
CA PRO B 144 -14.31 -7.83 5.37
C PRO B 144 -13.20 -6.84 5.04
N VAL B 145 -13.45 -5.55 5.24
CA VAL B 145 -12.47 -4.50 4.97
C VAL B 145 -12.55 -3.44 6.07
N LEU B 146 -11.40 -2.90 6.47
CA LEU B 146 -11.35 -1.83 7.46
C LEU B 146 -10.43 -0.79 6.84
N ILE B 147 -10.96 0.42 6.70
CA ILE B 147 -10.20 1.52 6.12
C ILE B 147 -10.16 2.78 6.98
N GLY B 148 -9.10 3.58 6.79
CA GLY B 148 -8.99 4.85 7.48
C GLY B 148 -9.87 5.79 6.69
N ASN B 149 -10.56 6.72 7.35
CA ASN B 149 -11.46 7.61 6.61
C ASN B 149 -11.33 9.06 7.08
N GLU B 150 -10.10 9.43 7.44
CA GLU B 150 -9.75 10.76 7.91
C GLU B 150 -9.69 11.76 6.73
N PRO B 151 -10.47 12.87 6.79
CA PRO B 151 -10.51 13.89 5.75
C PRO B 151 -9.29 14.85 5.83
N SER B 152 -8.11 14.27 5.99
CA SER B 152 -6.86 15.03 6.12
C SER B 152 -5.72 14.43 5.31
N LEU B 153 -4.82 15.31 4.85
CA LEU B 153 -3.65 14.91 4.08
C LEU B 153 -2.40 14.65 4.94
N GLY B 154 -2.59 14.66 6.26
CA GLY B 154 -1.49 14.38 7.16
C GLY B 154 -1.31 12.87 7.28
N VAL B 155 -0.06 12.41 7.30
CA VAL B 155 0.24 10.97 7.44
C VAL B 155 0.18 10.71 8.95
N SER B 156 -0.99 10.30 9.42
CA SER B 156 -1.21 10.06 10.85
C SER B 156 -2.31 9.04 11.13
N GLN B 157 -2.49 8.73 12.41
CA GLN B 157 -3.51 7.79 12.88
C GLN B 157 -4.88 8.41 12.60
N PRO B 158 -5.75 7.69 11.86
CA PRO B 158 -7.09 8.18 11.52
C PRO B 158 -7.99 8.41 12.74
N ARG B 159 -8.72 9.52 12.70
CA ARG B 159 -9.66 9.85 13.77
C ARG B 159 -11.06 9.40 13.32
N ARG B 160 -11.11 8.83 12.11
CA ARG B 160 -12.34 8.30 11.53
C ARG B 160 -11.99 7.04 10.71
N ALA B 161 -12.85 6.03 10.79
CA ALA B 161 -12.66 4.78 10.06
C ALA B 161 -13.97 4.15 9.64
N LEU B 162 -13.88 3.22 8.69
CA LEU B 162 -15.05 2.52 8.19
C LEU B 162 -14.77 1.03 8.03
N LEU B 163 -15.63 0.21 8.62
CA LEU B 163 -15.53 -1.25 8.51
C LEU B 163 -16.71 -1.67 7.67
N PHE B 164 -16.44 -2.44 6.60
CA PHE B 164 -17.50 -2.94 5.75
C PHE B 164 -17.23 -4.36 5.28
N VAL B 165 -18.31 -5.11 5.01
CA VAL B 165 -18.19 -6.48 4.54
C VAL B 165 -19.07 -6.70 3.34
N ILE B 166 -18.48 -7.21 2.25
CA ILE B 166 -19.22 -7.51 1.03
C ILE B 166 -19.07 -9.01 0.74
N LEU B 167 -20.05 -9.56 0.01
CA LEU B 167 -20.07 -10.98 -0.32
C LEU B 167 -20.16 -11.26 -1.81
N CYS B 168 -19.48 -12.33 -2.24
CA CYS B 168 -19.43 -12.74 -3.63
C CYS B 168 -19.62 -14.23 -3.86
N PRO B 169 -20.64 -14.63 -4.63
CA PRO B 169 -20.82 -16.08 -4.87
C PRO B 169 -19.72 -16.46 -5.90
N VAL B 170 -18.95 -17.49 -5.60
CA VAL B 170 -17.88 -17.90 -6.50
C VAL B 170 -18.00 -19.36 -6.95
N GLY B 171 -17.49 -19.63 -8.15
CA GLY B 171 -17.55 -20.97 -8.70
C GLY B 171 -16.42 -21.85 -8.17
N ALA B 172 -16.37 -23.08 -8.68
CA ALA B 172 -15.33 -24.04 -8.30
C ALA B 172 -14.02 -23.59 -8.92
N TYR B 173 -12.93 -23.65 -8.14
CA TYR B 173 -11.61 -23.25 -8.65
C TYR B 173 -11.15 -24.30 -9.67
N PHE B 174 -11.53 -25.55 -9.42
CA PHE B 174 -11.21 -26.67 -10.32
C PHE B 174 -12.55 -27.23 -10.78
N PRO B 175 -13.15 -26.65 -11.85
CA PRO B 175 -14.45 -27.12 -12.35
C PRO B 175 -14.35 -28.57 -12.85
N GLY B 176 -15.29 -29.40 -12.38
CA GLY B 176 -15.30 -30.81 -12.75
C GLY B 176 -14.71 -31.67 -11.65
N GLY B 177 -13.94 -31.04 -10.75
CA GLY B 177 -13.32 -31.74 -9.63
C GLY B 177 -11.84 -32.06 -9.77
N SER B 178 -11.37 -32.22 -11.00
CA SER B 178 -9.97 -32.55 -11.28
C SER B 178 -8.99 -31.38 -11.06
N VAL B 179 -7.98 -31.62 -10.23
CA VAL B 179 -6.95 -30.62 -9.93
C VAL B 179 -6.02 -30.42 -11.12
N THR B 180 -5.80 -29.16 -11.47
CA THR B 180 -4.94 -28.80 -12.61
C THR B 180 -3.76 -27.91 -12.17
N PRO B 181 -2.52 -28.28 -12.58
CA PRO B 181 -1.33 -27.51 -12.22
C PRO B 181 -1.02 -26.23 -12.99
N VAL B 182 -0.14 -25.42 -12.40
CA VAL B 182 0.28 -24.15 -12.98
C VAL B 182 1.81 -24.06 -13.04
N SER B 183 2.28 -23.16 -13.90
CA SER B 183 3.71 -22.89 -14.09
C SER B 183 4.05 -21.59 -13.36
N LEU B 184 5.22 -21.56 -12.73
CA LEU B 184 5.66 -20.39 -11.97
C LEU B 184 6.94 -19.72 -12.50
N LEU B 185 6.97 -18.39 -12.44
CA LEU B 185 8.17 -17.65 -12.84
C LEU B 185 8.93 -17.33 -11.56
N ALA B 186 10.19 -17.72 -11.51
CA ALA B 186 11.07 -17.49 -10.38
C ALA B 186 12.25 -16.62 -10.83
N ASP B 187 12.11 -15.33 -10.56
CA ASP B 187 13.11 -14.32 -10.91
C ASP B 187 13.36 -13.50 -9.62
N PRO B 188 14.61 -13.52 -9.11
CA PRO B 188 14.99 -12.79 -7.88
C PRO B 188 14.90 -11.26 -7.92
N ALA B 189 14.70 -10.68 -9.10
CA ALA B 189 14.60 -9.24 -9.28
C ALA B 189 13.31 -8.67 -8.68
N PHE B 190 12.31 -9.53 -8.51
CA PHE B 190 11.01 -9.15 -7.97
C PHE B 190 10.89 -9.55 -6.50
N ILE B 191 10.58 -8.58 -5.64
CA ILE B 191 10.46 -8.82 -4.20
C ILE B 191 9.06 -8.43 -3.74
N ARG B 192 8.40 -9.35 -3.02
CA ARG B 192 7.04 -9.11 -2.51
C ARG B 192 7.06 -8.42 -1.16
N ALA B 193 7.96 -8.88 -0.30
CA ALA B 193 8.09 -8.38 1.07
C ALA B 193 9.52 -8.50 1.59
N TRP B 194 9.80 -7.78 2.66
CA TRP B 194 11.12 -7.77 3.31
C TRP B 194 10.94 -7.89 4.82
N VAL B 195 11.94 -8.48 5.49
CA VAL B 195 11.92 -8.63 6.96
C VAL B 195 11.99 -7.21 7.53
N GLY B 196 11.02 -6.88 8.38
CA GLY B 196 10.93 -5.55 8.95
C GLY B 196 9.84 -4.78 8.23
N GLY B 197 9.30 -5.42 7.18
CA GLY B 197 8.23 -4.83 6.38
C GLY B 197 6.87 -5.28 6.88
N VAL B 198 5.87 -5.26 5.99
CA VAL B 198 4.51 -5.63 6.35
C VAL B 198 3.87 -6.76 5.55
N GLY B 199 4.72 -7.58 4.92
CA GLY B 199 4.23 -8.69 4.10
C GLY B 199 3.53 -9.80 4.86
N ASN B 200 3.68 -9.81 6.19
CA ASN B 200 3.05 -10.81 7.04
C ASN B 200 1.65 -10.39 7.53
N TYR B 201 1.16 -9.28 6.97
CA TYR B 201 -0.16 -8.74 7.29
C TYR B 201 -0.94 -8.61 5.98
N LYS B 202 -2.27 -8.80 6.04
CA LYS B 202 -3.11 -8.70 4.85
C LYS B 202 -3.56 -7.25 4.61
N LEU B 203 -2.59 -6.42 4.20
CA LEU B 203 -2.82 -4.99 3.94
C LEU B 203 -2.85 -4.75 2.45
N GLY B 204 -3.73 -3.87 2.01
CA GLY B 204 -3.86 -3.54 0.59
C GLY B 204 -2.55 -3.20 -0.09
N GLY B 205 -1.68 -2.51 0.65
CA GLY B 205 -0.36 -2.09 0.16
C GLY B 205 0.56 -3.15 -0.42
N ASN B 206 0.41 -4.38 0.04
CA ASN B 206 1.25 -5.49 -0.43
C ASN B 206 0.84 -6.06 -1.79
N TYR B 207 -0.38 -5.75 -2.24
CA TYR B 207 -0.92 -6.33 -3.49
C TYR B 207 -0.80 -5.56 -4.78
N GLY B 208 -1.01 -4.24 -4.70
CA GLY B 208 -0.89 -3.37 -5.87
C GLY B 208 0.41 -3.56 -6.64
N PRO B 209 1.60 -3.58 -5.97
CA PRO B 209 2.88 -3.76 -6.66
C PRO B 209 3.08 -5.11 -7.37
N THR B 210 2.24 -6.11 -7.04
CA THR B 210 2.35 -7.44 -7.65
C THR B 210 1.72 -7.56 -9.04
N VAL B 211 0.84 -6.62 -9.39
CA VAL B 211 0.14 -6.63 -10.68
C VAL B 211 1.08 -6.64 -11.90
N LEU B 212 2.06 -5.74 -11.90
CA LEU B 212 3.03 -5.64 -13.00
C LEU B 212 3.89 -6.91 -13.11
N VAL B 213 4.25 -7.48 -11.96
CA VAL B 213 5.07 -8.69 -11.89
C VAL B 213 4.30 -9.88 -12.46
N GLN B 214 3.02 -9.97 -12.10
CA GLN B 214 2.12 -11.02 -12.59
C GLN B 214 1.98 -10.95 -14.12
N GLN B 215 1.88 -9.72 -14.66
CA GLN B 215 1.76 -9.51 -16.11
C GLN B 215 3.03 -10.00 -16.84
N GLU B 216 4.18 -9.80 -16.19
CA GLU B 216 5.47 -10.22 -16.73
C GLU B 216 5.59 -11.76 -16.70
N ALA B 217 4.99 -12.38 -15.69
CA ALA B 217 4.99 -13.83 -15.55
C ALA B 217 4.14 -14.44 -16.67
N LEU B 218 3.00 -13.79 -16.95
CA LEU B 218 2.09 -14.22 -18.00
C LEU B 218 2.72 -14.08 -19.39
N LYS B 219 3.47 -13.00 -19.60
CA LYS B 219 4.16 -12.76 -20.88
C LYS B 219 5.23 -13.84 -21.12
N ARG B 220 5.82 -14.33 -20.03
CA ARG B 220 6.84 -15.37 -20.10
C ARG B 220 6.25 -16.80 -20.09
N GLY B 221 4.92 -16.88 -20.20
CA GLY B 221 4.22 -18.16 -20.25
C GLY B 221 3.89 -18.87 -18.94
N CYS B 222 3.98 -18.15 -17.83
CA CYS B 222 3.70 -18.71 -16.50
C CYS B 222 2.44 -18.08 -15.90
N GLU B 223 1.66 -18.87 -15.18
CA GLU B 223 0.42 -18.39 -14.57
C GLU B 223 0.59 -17.58 -13.30
N GLN B 224 1.59 -17.92 -12.49
CA GLN B 224 1.85 -17.23 -11.22
C GLN B 224 3.33 -16.92 -11.02
N VAL B 225 3.62 -16.14 -9.99
CA VAL B 225 4.97 -15.75 -9.64
C VAL B 225 5.42 -16.53 -8.40
N LEU B 226 6.63 -17.11 -8.46
CA LEU B 226 7.20 -17.78 -7.31
C LEU B 226 8.05 -16.66 -6.69
N TRP B 227 7.62 -16.17 -5.53
CA TRP B 227 8.31 -15.08 -4.85
C TRP B 227 9.54 -15.53 -4.11
N LEU B 228 10.69 -15.06 -4.59
CA LEU B 228 11.99 -15.40 -4.00
C LEU B 228 12.48 -14.27 -3.10
N TYR B 229 13.17 -14.65 -2.02
CA TYR B 229 13.68 -13.68 -1.07
C TYR B 229 15.11 -13.98 -0.64
N GLY B 230 15.89 -12.91 -0.48
CA GLY B 230 17.28 -13.01 -0.05
C GLY B 230 18.29 -13.47 -1.09
N PRO B 231 19.61 -13.38 -0.78
CA PRO B 231 20.69 -13.80 -1.68
C PRO B 231 20.69 -15.30 -1.94
N ASP B 232 20.11 -16.04 -1.00
CA ASP B 232 20.00 -17.49 -1.06
C ASP B 232 18.76 -18.01 -1.80
N HIS B 233 17.94 -17.08 -2.30
CA HIS B 233 16.71 -17.36 -3.08
C HIS B 233 15.72 -18.28 -2.36
N GLN B 234 15.24 -17.81 -1.21
CA GLN B 234 14.27 -18.53 -0.39
C GLN B 234 12.90 -18.48 -1.07
N LEU B 235 12.22 -19.63 -1.14
CA LEU B 235 10.87 -19.70 -1.73
C LEU B 235 9.93 -19.22 -0.64
N THR B 236 9.17 -18.18 -0.93
CA THR B 236 8.26 -17.62 0.08
C THR B 236 6.79 -17.90 -0.17
N GLU B 237 6.30 -17.42 -1.31
CA GLU B 237 4.88 -17.55 -1.71
C GLU B 237 4.75 -17.92 -3.18
N VAL B 238 3.61 -18.51 -3.53
CA VAL B 238 3.24 -18.88 -4.92
C VAL B 238 2.12 -17.89 -5.20
N GLY B 239 2.46 -16.80 -5.91
CA GLY B 239 1.48 -15.75 -6.21
C GLY B 239 1.10 -15.11 -4.89
N THR B 240 -0.17 -15.23 -4.52
CA THR B 240 -0.64 -14.71 -3.24
C THR B 240 -1.19 -15.90 -2.43
N MET B 241 -0.43 -17.00 -2.46
CA MET B 241 -0.74 -18.25 -1.76
C MET B 241 0.52 -18.73 -1.05
N ASN B 242 0.35 -19.50 0.03
CA ASN B 242 1.51 -20.06 0.76
C ASN B 242 2.06 -21.26 -0.02
N ILE B 243 3.34 -21.56 0.14
CA ILE B 243 3.95 -22.68 -0.59
C ILE B 243 4.27 -23.87 0.30
N PHE B 244 4.05 -25.07 -0.24
CA PHE B 244 4.31 -26.32 0.45
C PHE B 244 5.11 -27.25 -0.47
N VAL B 245 6.06 -27.98 0.10
CA VAL B 245 6.86 -28.94 -0.65
C VAL B 245 6.79 -30.27 0.10
N TYR B 246 6.42 -31.33 -0.63
CA TYR B 246 6.32 -32.69 -0.09
C TYR B 246 7.48 -33.42 -0.73
N TRP B 247 8.47 -33.76 0.09
CA TRP B 247 9.68 -34.41 -0.39
C TRP B 247 10.36 -35.31 0.63
N THR B 248 11.41 -35.98 0.16
CA THR B 248 12.26 -36.80 1.01
C THR B 248 13.42 -35.82 1.22
N HIS B 249 13.60 -35.35 2.45
CA HIS B 249 14.65 -34.39 2.82
C HIS B 249 16.07 -34.99 2.67
N GLU B 250 17.09 -34.14 2.84
CA GLU B 250 18.50 -34.52 2.74
C GLU B 250 18.92 -35.58 3.76
N ASP B 251 18.20 -35.66 4.87
CA ASP B 251 18.48 -36.65 5.91
C ASP B 251 17.77 -38.00 5.67
N GLY B 252 17.09 -38.11 4.52
CA GLY B 252 16.39 -39.33 4.15
C GLY B 252 14.98 -39.53 4.68
N VAL B 253 14.49 -38.56 5.45
CA VAL B 253 13.15 -38.62 6.05
C VAL B 253 12.11 -37.91 5.18
N LEU B 254 10.95 -38.54 5.03
CA LEU B 254 9.83 -37.99 4.26
C LEU B 254 9.16 -36.89 5.08
N GLU B 255 9.02 -35.71 4.46
CA GLU B 255 8.41 -34.57 5.14
C GLU B 255 7.60 -33.61 4.28
N LEU B 256 6.76 -32.85 4.95
CA LEU B 256 5.97 -31.78 4.33
C LEU B 256 6.56 -30.53 4.97
N VAL B 257 7.09 -29.65 4.12
CA VAL B 257 7.70 -28.43 4.61
C VAL B 257 7.06 -27.19 4.00
N THR B 258 7.04 -26.12 4.79
CA THR B 258 6.51 -24.82 4.38
C THR B 258 7.41 -23.78 5.08
N PRO B 259 7.62 -22.59 4.46
CA PRO B 259 8.46 -21.56 5.08
C PRO B 259 7.91 -21.09 6.45
N PRO B 260 8.81 -20.76 7.41
CA PRO B 260 8.36 -20.31 8.74
C PRO B 260 7.86 -18.87 8.76
N LEU B 261 7.15 -18.50 9.82
CA LEU B 261 6.60 -17.15 9.97
C LEU B 261 7.69 -16.21 10.52
N ASN B 262 8.60 -15.82 9.64
CA ASN B 262 9.73 -14.95 9.96
C ASN B 262 9.57 -13.48 9.57
N GLY B 263 8.40 -13.12 9.05
CA GLY B 263 8.14 -11.74 8.65
C GLY B 263 7.75 -11.49 7.21
N VAL B 264 8.15 -12.37 6.29
CA VAL B 264 7.84 -12.22 4.86
C VAL B 264 6.72 -13.16 4.38
N ILE B 265 6.21 -13.98 5.30
CA ILE B 265 5.16 -14.95 4.99
C ILE B 265 3.86 -14.54 5.65
N LEU B 266 2.77 -14.56 4.87
CA LEU B 266 1.47 -14.24 5.41
C LEU B 266 0.94 -15.54 6.05
N PRO B 267 0.59 -15.48 7.36
CA PRO B 267 0.07 -16.66 8.08
C PRO B 267 -1.32 -17.10 7.63
N GLY B 268 -1.34 -17.88 6.55
CA GLY B 268 -2.58 -18.36 5.99
C GLY B 268 -3.39 -19.31 6.85
N VAL B 269 -4.72 -19.23 6.73
CA VAL B 269 -5.62 -20.08 7.50
C VAL B 269 -5.54 -21.50 6.93
N VAL B 270 -5.52 -21.63 5.59
CA VAL B 270 -5.43 -22.94 4.94
C VAL B 270 -4.06 -23.55 5.25
N ARG B 271 -3.02 -22.70 5.30
CA ARG B 271 -1.65 -23.11 5.61
C ARG B 271 -1.60 -23.78 6.99
N GLN B 272 -2.19 -23.10 7.98
CA GLN B 272 -2.22 -23.61 9.35
C GLN B 272 -3.06 -24.88 9.44
N SER B 273 -4.15 -24.93 8.67
CA SER B 273 -5.06 -26.07 8.62
C SER B 273 -4.39 -27.32 8.06
N LEU B 274 -3.53 -27.14 7.07
CA LEU B 274 -2.80 -28.25 6.45
C LEU B 274 -1.72 -28.79 7.40
N LEU B 275 -1.08 -27.88 8.14
CA LEU B 275 -0.06 -28.25 9.11
C LEU B 275 -0.70 -29.01 10.27
N ASP B 276 -1.89 -28.56 10.69
CA ASP B 276 -2.65 -29.18 11.77
C ASP B 276 -3.14 -30.57 11.40
N MET B 277 -3.63 -30.70 10.17
CA MET B 277 -4.16 -31.96 9.62
C MET B 277 -3.06 -33.00 9.44
N ALA B 278 -1.94 -32.56 8.86
CA ALA B 278 -0.78 -33.44 8.61
C ALA B 278 -0.15 -33.92 9.91
N GLN B 279 -0.17 -33.07 10.94
CA GLN B 279 0.38 -33.40 12.26
C GLN B 279 -0.51 -34.39 13.02
N THR B 280 -1.82 -34.29 12.79
CA THR B 280 -2.81 -35.17 13.44
C THR B 280 -2.68 -36.60 12.90
N TRP B 281 -2.31 -36.73 11.63
CA TRP B 281 -2.13 -38.02 10.97
C TRP B 281 -0.89 -38.74 11.51
N GLY B 282 0.20 -37.98 11.68
CA GLY B 282 1.46 -38.51 12.19
C GLY B 282 2.14 -39.55 11.32
N GLU B 283 1.88 -39.50 10.01
CA GLU B 283 2.44 -40.44 9.05
C GLU B 283 3.80 -40.02 8.50
N PHE B 284 4.10 -38.73 8.58
CA PHE B 284 5.37 -38.14 8.13
C PHE B 284 5.74 -36.92 8.96
N ARG B 285 6.96 -36.41 8.80
CA ARG B 285 7.42 -35.23 9.53
C ARG B 285 6.78 -33.97 8.95
N VAL B 286 6.31 -33.09 9.83
CA VAL B 286 5.67 -31.83 9.43
C VAL B 286 6.52 -30.74 10.06
N VAL B 287 7.14 -29.92 9.22
CA VAL B 287 8.03 -28.88 9.71
C VAL B 287 7.90 -27.54 8.98
N GLU B 288 8.23 -26.48 9.71
CA GLU B 288 8.25 -25.12 9.20
C GLU B 288 9.73 -24.76 9.14
N ARG B 289 10.28 -24.77 7.93
CA ARG B 289 11.70 -24.49 7.70
C ARG B 289 11.87 -23.78 6.36
N THR B 290 12.92 -22.97 6.27
CA THR B 290 13.27 -22.23 5.06
C THR B 290 13.62 -23.18 3.92
N ILE B 291 13.07 -22.90 2.73
CA ILE B 291 13.30 -23.70 1.53
C ILE B 291 13.99 -22.79 0.52
N THR B 292 15.16 -23.22 0.02
CA THR B 292 15.90 -22.42 -0.98
C THR B 292 15.84 -23.07 -2.35
N MET B 293 16.15 -22.28 -3.39
CA MET B 293 16.14 -22.79 -4.76
C MET B 293 17.21 -23.84 -4.98
N LYS B 294 18.36 -23.69 -4.30
CA LYS B 294 19.45 -24.64 -4.40
C LYS B 294 19.05 -25.99 -3.79
N GLN B 295 18.28 -25.92 -2.70
CA GLN B 295 17.76 -27.12 -2.02
C GLN B 295 16.75 -27.84 -2.91
N LEU B 296 15.90 -27.07 -3.59
CA LEU B 296 14.90 -27.62 -4.51
C LEU B 296 15.56 -28.22 -5.75
N LEU B 297 16.58 -27.53 -6.28
CA LEU B 297 17.32 -27.99 -7.47
C LEU B 297 18.04 -29.32 -7.23
N ARG B 298 18.64 -29.46 -6.04
CA ARG B 298 19.34 -30.68 -5.66
C ARG B 298 18.38 -31.83 -5.43
N ALA B 299 17.20 -31.52 -4.90
CA ALA B 299 16.18 -32.52 -4.63
C ALA B 299 15.53 -33.04 -5.91
N LEU B 300 15.34 -32.15 -6.89
CA LEU B 300 14.74 -32.51 -8.19
C LEU B 300 15.62 -33.45 -9.01
N GLU B 301 16.92 -33.16 -9.09
CA GLU B 301 17.85 -34.01 -9.85
C GLU B 301 18.10 -35.37 -9.18
N GLU B 302 17.88 -35.42 -7.86
CA GLU B 302 18.05 -36.64 -7.06
C GLU B 302 16.72 -37.42 -6.94
N GLY B 303 15.67 -36.88 -7.56
CA GLY B 303 14.34 -37.50 -7.57
C GLY B 303 13.63 -37.58 -6.22
N ARG B 304 13.96 -36.65 -5.33
CA ARG B 304 13.39 -36.60 -3.99
C ARG B 304 12.10 -35.80 -3.84
N VAL B 305 11.79 -34.93 -4.80
CA VAL B 305 10.56 -34.12 -4.76
C VAL B 305 9.37 -34.93 -5.24
N ARG B 306 8.31 -34.93 -4.43
CA ARG B 306 7.08 -35.62 -4.78
C ARG B 306 6.03 -34.63 -5.24
N GLU B 307 5.69 -33.66 -4.38
CA GLU B 307 4.68 -32.65 -4.71
C GLU B 307 5.03 -31.23 -4.23
N VAL B 308 4.66 -30.23 -5.03
CA VAL B 308 4.85 -28.81 -4.67
C VAL B 308 3.50 -28.17 -4.94
N PHE B 309 3.03 -27.37 -3.98
CA PHE B 309 1.74 -26.72 -4.10
C PHE B 309 1.53 -25.44 -3.33
N GLY B 310 0.53 -24.67 -3.79
CA GLY B 310 0.15 -23.43 -3.15
C GLY B 310 -1.08 -23.68 -2.30
N SER B 311 -1.28 -22.86 -1.27
CA SER B 311 -2.45 -22.98 -0.40
C SER B 311 -3.04 -21.62 -0.12
N GLY B 312 -4.37 -21.55 -0.09
CA GLY B 312 -5.07 -20.30 0.14
C GLY B 312 -6.56 -20.52 0.06
N THR B 313 -7.36 -19.57 0.56
CA THR B 313 -8.82 -19.69 0.56
C THR B 313 -9.43 -19.86 -0.84
N ALA B 314 -8.91 -19.10 -1.81
CA ALA B 314 -9.40 -19.13 -3.18
C ALA B 314 -9.20 -20.47 -3.91
N CYS B 315 -8.01 -21.04 -3.77
N CYS B 315 -8.02 -21.06 -3.76
CA CYS B 315 -7.66 -22.30 -4.44
CA CYS B 315 -7.73 -22.32 -4.43
C CYS B 315 -7.70 -23.59 -3.63
C CYS B 315 -7.82 -23.60 -3.60
N GLN B 316 -7.57 -23.45 -2.30
CA GLN B 316 -7.54 -24.56 -1.31
C GLN B 316 -6.12 -25.15 -1.39
N VAL B 317 -5.89 -26.01 -2.39
CA VAL B 317 -4.57 -26.63 -2.64
C VAL B 317 -4.33 -26.59 -4.16
N CYS B 318 -3.30 -25.84 -4.59
CA CYS B 318 -2.96 -25.65 -6.00
C CYS B 318 -1.65 -26.29 -6.44
N PRO B 319 -1.69 -27.34 -7.30
CA PRO B 319 -0.49 -28.04 -7.79
C PRO B 319 0.40 -27.22 -8.70
N VAL B 320 1.70 -27.51 -8.67
CA VAL B 320 2.71 -26.83 -9.50
C VAL B 320 3.43 -27.89 -10.35
N HIS B 321 3.47 -27.71 -11.67
CA HIS B 321 4.16 -28.67 -12.55
C HIS B 321 5.44 -28.13 -13.18
N ARG B 322 5.62 -26.81 -13.17
CA ARG B 322 6.80 -26.19 -13.78
C ARG B 322 7.22 -24.89 -13.09
N ILE B 323 8.53 -24.68 -13.03
CA ILE B 323 9.14 -23.48 -12.46
C ILE B 323 10.20 -23.00 -13.46
N LEU B 324 10.01 -21.79 -13.98
CA LEU B 324 10.95 -21.18 -14.92
C LEU B 324 11.92 -20.37 -14.06
N TYR B 325 13.14 -20.88 -13.96
CA TYR B 325 14.19 -20.28 -13.14
C TYR B 325 15.50 -20.18 -13.93
N LYS B 326 16.10 -18.98 -13.92
CA LYS B 326 17.36 -18.67 -14.63
C LYS B 326 17.31 -19.08 -16.11
N ASP B 327 16.16 -18.81 -16.74
CA ASP B 327 15.86 -19.12 -18.15
C ASP B 327 15.78 -20.61 -18.48
N ARG B 328 15.70 -21.44 -17.43
CA ARG B 328 15.61 -22.89 -17.56
C ARG B 328 14.32 -23.40 -16.95
N ASN B 329 13.73 -24.40 -17.59
CA ASN B 329 12.48 -25.01 -17.12
C ASN B 329 12.74 -26.19 -16.21
N LEU B 330 12.24 -26.09 -14.98
CA LEU B 330 12.37 -27.15 -13.98
C LEU B 330 11.04 -27.89 -13.91
N HIS B 331 11.07 -29.18 -14.22
CA HIS B 331 9.86 -30.01 -14.17
C HIS B 331 9.63 -30.53 -12.75
N ILE B 332 8.44 -30.24 -12.22
CA ILE B 332 8.06 -30.67 -10.88
C ILE B 332 7.08 -31.84 -11.07
N PRO B 333 7.45 -33.05 -10.58
CA PRO B 333 6.62 -34.26 -10.73
C PRO B 333 5.36 -34.42 -9.85
N THR B 334 4.74 -33.29 -9.52
CA THR B 334 3.52 -33.25 -8.69
C THR B 334 2.38 -34.14 -9.18
N MET B 335 2.01 -33.98 -10.46
CA MET B 335 0.92 -34.75 -11.06
C MET B 335 1.13 -36.24 -11.25
N GLU B 336 2.34 -36.64 -11.63
CA GLU B 336 2.63 -38.07 -11.80
C GLU B 336 2.69 -38.79 -10.46
N ASN B 337 2.83 -38.03 -9.37
CA ASN B 337 2.84 -38.58 -8.02
C ASN B 337 1.43 -38.64 -7.42
N GLY B 338 0.43 -38.53 -8.30
CA GLY B 338 -0.96 -38.59 -7.90
C GLY B 338 -1.83 -37.43 -8.39
N PRO B 339 -1.79 -36.25 -7.72
CA PRO B 339 -0.99 -35.87 -6.54
C PRO B 339 -1.63 -36.38 -5.24
N GLU B 340 -1.08 -37.50 -4.75
CA GLU B 340 -1.53 -38.21 -3.55
C GLU B 340 -1.88 -37.36 -2.32
N LEU B 341 -0.94 -36.53 -1.89
CA LEU B 341 -1.16 -35.67 -0.71
C LEU B 341 -2.15 -34.54 -0.97
N ILE B 342 -2.06 -33.89 -2.13
CA ILE B 342 -2.98 -32.81 -2.51
C ILE B 342 -4.41 -33.31 -2.56
N LEU B 343 -4.61 -34.49 -3.17
CA LEU B 343 -5.94 -35.10 -3.27
C LEU B 343 -6.50 -35.49 -1.91
N ARG B 344 -5.62 -35.93 -1.00
CA ARG B 344 -6.03 -36.31 0.35
C ARG B 344 -6.42 -35.07 1.15
N PHE B 345 -5.66 -33.98 0.97
CA PHE B 345 -5.94 -32.71 1.63
C PHE B 345 -7.25 -32.12 1.09
N GLN B 346 -7.41 -32.17 -0.24
CA GLN B 346 -8.61 -31.65 -0.93
C GLN B 346 -9.88 -32.37 -0.47
N LYS B 347 -9.80 -33.69 -0.39
CA LYS B 347 -10.92 -34.55 0.01
C LYS B 347 -11.34 -34.32 1.46
N GLU B 348 -10.37 -34.29 2.38
CA GLU B 348 -10.66 -34.06 3.80
C GLU B 348 -11.23 -32.67 4.04
N LEU B 349 -10.67 -31.66 3.36
CA LEU B 349 -11.15 -30.28 3.48
C LEU B 349 -12.55 -30.14 2.91
N LYS B 350 -12.81 -30.81 1.78
CA LYS B 350 -14.13 -30.80 1.11
C LYS B 350 -15.19 -31.41 2.02
N GLU B 351 -14.84 -32.53 2.65
CA GLU B 351 -15.78 -33.23 3.55
C GLU B 351 -16.11 -32.45 4.81
N ILE B 352 -15.14 -31.68 5.31
CA ILE B 352 -15.33 -30.85 6.51
C ILE B 352 -16.14 -29.60 6.13
N GLN B 353 -15.73 -28.93 5.06
CA GLN B 353 -16.38 -27.72 4.60
C GLN B 353 -17.84 -27.82 4.19
N TYR B 354 -18.20 -28.94 3.56
CA TYR B 354 -19.57 -29.15 3.13
C TYR B 354 -20.42 -29.96 4.11
N GLY B 355 -19.92 -30.09 5.34
CA GLY B 355 -20.62 -30.78 6.41
C GLY B 355 -20.82 -32.28 6.37
N ILE B 356 -20.09 -32.97 5.49
CA ILE B 356 -20.16 -34.43 5.36
C ILE B 356 -19.49 -35.08 6.57
N ARG B 357 -18.51 -34.37 7.11
CA ARG B 357 -17.74 -34.81 8.27
C ARG B 357 -17.84 -33.68 9.31
N ALA B 358 -18.29 -34.00 10.53
CA ALA B 358 -18.42 -32.99 11.59
C ALA B 358 -17.03 -32.57 12.08
N HIS B 359 -16.88 -31.27 12.35
CA HIS B 359 -15.60 -30.73 12.82
C HIS B 359 -15.78 -29.39 13.53
N GLU B 360 -14.95 -29.18 14.57
CA GLU B 360 -14.95 -27.95 15.37
C GLU B 360 -14.50 -26.73 14.57
N TRP B 361 -13.86 -26.99 13.43
CA TRP B 361 -13.38 -25.94 12.52
C TRP B 361 -14.53 -25.18 11.85
N MET B 362 -15.69 -25.83 11.74
CA MET B 362 -16.85 -25.22 11.12
C MET B 362 -17.75 -24.44 12.06
N PHE B 363 -18.15 -23.26 11.62
CA PHE B 363 -19.02 -22.35 12.38
C PHE B 363 -20.34 -22.27 11.61
N PRO B 364 -21.44 -22.76 12.22
CA PRO B 364 -22.77 -22.73 11.56
C PRO B 364 -23.38 -21.32 11.43
N VAL B 365 -24.00 -21.08 10.27
CA VAL B 365 -24.69 -19.81 10.00
C VAL B 365 -26.18 -19.99 10.27
N1 PLP C . 10.77 11.23 0.43
C2 PLP C . 9.56 10.65 0.52
C2A PLP C . 9.48 9.26 1.16
C3 PLP C . 8.45 11.33 0.03
O3 PLP C . 7.26 10.75 0.14
C4 PLP C . 8.57 12.61 -0.55
C4A PLP C . 7.29 13.33 -1.10
C5 PLP C . 9.86 13.18 -0.60
C6 PLP C . 10.93 12.48 -0.11
C5A PLP C . 10.17 14.53 -1.11
O4P PLP C . 9.71 14.83 -2.38
P PLP C . 9.48 16.32 -2.79
O1P PLP C . 8.32 16.85 -2.16
O2P PLP C . 9.14 16.13 -4.27
O3P PLP C . 10.77 17.04 -2.72
N1 GBN D . 6.79 14.54 4.17
C2 GBN D . 5.44 14.97 3.73
C3 GBN D . 6.40 15.06 1.41
C1R GBN D . 5.22 14.60 2.28
C2R GBN D . 5.10 13.08 2.10
C3R GBN D . 3.86 12.50 2.79
C4R GBN D . 2.58 13.19 2.28
C5R GBN D . 2.68 14.70 2.47
C6R GBN D . 3.92 15.26 1.77
C GBN D . 6.75 16.54 1.58
OA GBN D . 6.06 17.41 1.03
OB GBN D . 7.71 16.88 2.27
N1 PLP E . -0.33 -15.51 1.13
C2 PLP E . -0.73 -14.25 0.86
C2A PLP E . 0.32 -13.24 0.38
C3 PLP E . -2.07 -13.92 1.00
O3 PLP E . -2.47 -12.69 0.72
C4 PLP E . -3.02 -14.87 1.45
C4A PLP E . -4.52 -14.45 1.61
C5 PLP E . -2.55 -16.19 1.71
C6 PLP E . -1.22 -16.47 1.55
C5A PLP E . -3.41 -17.32 2.12
O4P PLP E . -4.17 -17.10 3.26
P PLP E . -5.48 -17.94 3.49
O1P PLP E . -6.52 -17.59 2.58
O2P PLP E . -5.91 -17.40 4.87
O3P PLP E . -5.09 -19.36 3.69
N1 GBN F . -4.46 -15.38 -3.74
C2 GBN F . -5.78 -14.76 -3.71
C3 GBN F . -5.74 -15.19 -1.24
C1R GBN F . -6.06 -14.16 -2.33
C2R GBN F . -5.17 -12.95 -2.09
C3R GBN F . -5.49 -11.79 -3.04
C4R GBN F . -6.96 -11.38 -2.92
C5R GBN F . -7.87 -12.59 -3.19
C6R GBN F . -7.53 -13.73 -2.23
C GBN F . -6.41 -16.55 -1.44
OA GBN F . -7.59 -16.72 -1.12
OB GBN F . -5.78 -17.49 -1.92
C ACY G . -20.24 5.99 3.93
O ACY G . -19.22 6.10 4.75
OXT ACY G . -20.24 5.50 2.74
CH3 ACY G . -21.54 6.48 4.53
#